data_1CEZ
#
_entry.id   1CEZ
#
_cell.length_a   220.100
_cell.length_b   73.300
_cell.length_c   80.900
_cell.angle_alpha   90.00
_cell.angle_beta   90.00
_cell.angle_gamma   90.00
#
_symmetry.space_group_name_H-M   'P 21 21 2'
#
loop_
_entity.id
_entity.type
_entity.pdbx_description
1 polymer "DNA (5'-D(P*TP*AP*TP*AP*GP*TP*GP*AP*GP*TP*CP*GP*TP*AP*TP*TP*A)-3')"
2 polymer "DNA (5'-D(P*TP*AP*AP*TP*AP*CP*GP*AP*CP*TP*CP*AP*CP*TP*A)-3')"
3 polymer 'PROTEIN (BACTERIOPHAGE T7 RNA POLYMERASE)'
4 water water
#
loop_
_entity_poly.entity_id
_entity_poly.type
_entity_poly.pdbx_seq_one_letter_code
_entity_poly.pdbx_strand_id
1 'polydeoxyribonucleotide' (DT)(DA)(DT)(DA)(DG)(DT)(DG)(DA)(DG)(DT)(DC)(DG)(DT)(DA)(DT)(DT)(DA) T
2 'polydeoxyribonucleotide' (DT)(DA)(DA)(DT)(DA)(DC)(DG)(DA)(DC)(DT)(DC)(DA)(DC)(DT)(DA) N
3 'polypeptide(L)'
;MNTINIAKNDFSDIELAAIPFNTLADHYGERLAREQLALEHESYEMGEARFRKMFERQLKAGEVADNAAAKPLITTLLPK
MIARINDWFEEVKAKRGKRPTAFQFLQEIKPEAVAYITIKTTLACLTSADNTTVQAVASAIGRAIEDEARFGRIRDLEAK
HFKKNVEEQLNKRVGHVYKKAFMQVVEADMLSKGLLGGEAWSSWHKEDSIHVGVRCIEMLIESTGMVSLHRQNAGVVGQD
SETIELAPEYAEAIATRAGALAGISPMFQPCVVPPKPWTGITGGGYWANGRRPLALVRTHSKKALMRYEDVYMPEVYKAI
NIAQNTAWKINKKVLAVANVITKWKHCPVEDIPAIEREELPMKPEDIDMNPEALTAWKRAAAAVYRKDKARKSRRISLEF
MLEQANKFANHKAIWFPYNMDWRGRVYAVSMFNPQGNDMTKGLLTLAKGKPIGKEGYYWLKIHGANCAGVDKVPFPERIK
FIEENHENIMACAKSPLENTWWAEQDSPFCFLAFCFEYAGVQHHGLSYNCSLPLAFDGSCSGIQHFSAMLRDEVGGRAVN
LLPSETVQDIYGIVAKKVNEILQADAINGTDNEVVTVTDENTGEISEKVKLGTKALAGQWLAYGVTRSVTKRSVMTLAYG
SKEFGFRQQVLEDTIQPAIDSGKGLMFTQPNQAAGYMAKLIWESVSVTVVAAVEAMNWLKSAAKLLAAEVKDKKTGEILR
KRCAVHWVTPDGFPVWQEYKKPIQTRLNLMFLGQFRLQPTINTNKDSEIDAHKQESGIAPNFVHSQDGSHLRKTVVWAHE
KYGIESFALIHDSFGTIPADAANLFKAVRETMVDTYESCDVLADFYDQFADQLHESQLDKMPALPAKGNLNLRDILESDF
AFA
;
A
#
loop_
_chem_comp.id
_chem_comp.type
_chem_comp.name
_chem_comp.formula
DA DNA linking 2'-DEOXYADENOSINE-5'-MONOPHOSPHATE 'C10 H14 N5 O6 P'
DC DNA linking 2'-DEOXYCYTIDINE-5'-MONOPHOSPHATE 'C9 H14 N3 O7 P'
DG DNA linking 2'-DEOXYGUANOSINE-5'-MONOPHOSPHATE 'C10 H14 N5 O7 P'
DT DNA linking THYMIDINE-5'-MONOPHOSPHATE 'C10 H15 N2 O8 P'
#
# COMPACT_ATOMS: atom_id res chain seq x y z
N ILE C 6 -6.25 -11.36 -32.29
CA ILE C 6 -5.68 -11.20 -30.92
C ILE C 6 -4.17 -10.92 -30.99
N ALA C 7 -3.74 -9.86 -30.32
CA ALA C 7 -2.32 -9.50 -30.29
C ALA C 7 -1.48 -10.77 -30.36
N LYS C 8 -1.82 -11.72 -29.49
CA LYS C 8 -1.12 -13.00 -29.43
C LYS C 8 -1.39 -13.77 -30.73
N ASN C 9 -0.36 -13.82 -31.58
CA ASN C 9 -0.42 -14.50 -32.87
C ASN C 9 -0.93 -13.61 -34.00
N ASP C 10 -2.15 -13.10 -33.85
CA ASP C 10 -2.74 -12.26 -34.88
C ASP C 10 -1.77 -11.29 -35.54
N PHE C 11 -0.71 -10.90 -34.84
CA PHE C 11 0.27 -9.97 -35.40
C PHE C 11 1.69 -10.52 -35.35
N SER C 12 2.56 -9.91 -36.16
CA SER C 12 3.96 -10.29 -36.22
C SER C 12 4.81 -9.55 -35.18
N ASP C 13 5.93 -10.16 -34.77
CA ASP C 13 6.79 -9.50 -33.80
C ASP C 13 7.26 -8.15 -34.34
N ILE C 14 7.27 -8.01 -35.66
CA ILE C 14 7.72 -6.75 -36.25
C ILE C 14 6.60 -5.71 -36.14
N GLU C 15 5.36 -6.16 -36.24
CA GLU C 15 4.20 -5.27 -36.15
C GLU C 15 3.94 -4.84 -34.71
N LEU C 16 4.07 -5.79 -33.79
CA LEU C 16 3.83 -5.46 -32.40
C LEU C 16 4.86 -4.46 -31.92
N ALA C 17 6.10 -4.63 -32.38
CA ALA C 17 7.20 -3.76 -32.01
C ALA C 17 6.97 -2.31 -32.36
N ALA C 18 6.24 -2.08 -33.45
CA ALA C 18 6.01 -0.74 -33.93
C ALA C 18 4.60 -0.22 -33.70
N ILE C 19 3.67 -1.14 -33.50
CA ILE C 19 2.30 -0.73 -33.33
C ILE C 19 2.06 0.35 -32.25
N PRO C 20 2.81 0.33 -31.12
CA PRO C 20 2.55 1.36 -30.11
C PRO C 20 3.18 2.72 -30.42
N PHE C 21 4.42 2.68 -30.91
CA PHE C 21 5.14 3.90 -31.26
C PHE C 21 4.36 4.78 -32.22
N ASN C 22 3.89 4.13 -33.29
CA ASN C 22 3.14 4.79 -34.34
C ASN C 22 1.89 5.48 -33.81
N THR C 23 1.10 4.74 -33.04
CA THR C 23 -0.10 5.34 -32.49
C THR C 23 0.26 6.39 -31.44
N LEU C 24 1.24 6.10 -30.59
CA LEU C 24 1.61 7.10 -29.59
C LEU C 24 2.13 8.32 -30.30
N ALA C 25 2.69 8.13 -31.49
CA ALA C 25 3.21 9.26 -32.24
C ALA C 25 2.04 9.98 -32.91
N ASP C 26 1.11 9.21 -33.47
CA ASP C 26 -0.06 9.77 -34.13
C ASP C 26 -0.65 10.88 -33.26
N HIS C 27 -0.78 10.62 -31.96
CA HIS C 27 -1.26 11.65 -31.04
C HIS C 27 0.02 11.97 -30.24
N TYR C 28 0.10 13.13 -29.63
CA TYR C 28 1.27 13.42 -28.79
C TYR C 28 2.58 13.71 -29.53
N GLY C 29 2.74 13.12 -30.71
CA GLY C 29 3.98 13.36 -31.46
C GLY C 29 5.16 12.46 -31.13
N GLU C 30 6.08 12.36 -32.06
CA GLU C 30 7.24 11.49 -31.92
C GLU C 30 8.27 11.82 -30.82
N ARG C 31 8.16 12.94 -30.14
CA ARG C 31 9.15 13.18 -29.10
C ARG C 31 8.69 12.51 -27.80
N LEU C 32 7.44 12.73 -27.42
CA LEU C 32 6.90 12.13 -26.20
C LEU C 32 6.67 10.65 -26.42
N ALA C 33 6.26 10.31 -27.63
CA ALA C 33 6.03 8.90 -27.95
C ALA C 33 7.31 8.11 -27.73
N ARG C 34 8.45 8.63 -28.21
CA ARG C 34 9.73 7.96 -28.06
C ARG C 34 10.14 7.89 -26.61
N GLU C 35 9.98 9.01 -25.91
CA GLU C 35 10.31 9.11 -24.49
C GLU C 35 9.48 8.15 -23.63
N GLN C 36 8.18 8.03 -23.89
CA GLN C 36 7.36 7.13 -23.09
C GLN C 36 7.80 5.65 -23.22
N LEU C 37 8.16 5.21 -24.43
CA LEU C 37 8.55 3.81 -24.58
C LEU C 37 9.97 3.60 -24.04
N ALA C 38 10.83 4.61 -24.21
CA ALA C 38 12.19 4.48 -23.71
C ALA C 38 12.09 4.38 -22.18
N LEU C 39 11.16 5.13 -21.60
CA LEU C 39 10.93 5.13 -20.17
C LEU C 39 10.50 3.74 -19.70
N GLU C 40 9.54 3.14 -20.41
CA GLU C 40 9.08 1.83 -20.04
C GLU C 40 10.18 0.76 -20.17
N HIS C 41 11.08 0.92 -21.16
CA HIS C 41 12.15 -0.06 -21.33
C HIS C 41 13.21 -0.06 -20.22
N GLU C 42 13.28 1.04 -19.47
CA GLU C 42 14.21 1.13 -18.35
C GLU C 42 13.88 0.08 -17.29
N SER C 43 12.74 -0.57 -17.40
CA SER C 43 12.38 -1.60 -16.42
C SER C 43 13.10 -2.91 -16.72
N TYR C 44 13.81 -2.97 -17.83
CA TYR C 44 14.50 -4.19 -18.18
C TYR C 44 15.95 -3.99 -18.53
N GLU C 45 16.28 -2.81 -19.03
CA GLU C 45 17.65 -2.55 -19.46
C GLU C 45 17.98 -1.06 -19.47
N MET C 46 19.17 -0.72 -18.99
CA MET C 46 19.58 0.68 -18.97
C MET C 46 20.16 1.10 -20.29
N GLY C 47 19.54 2.10 -20.91
CA GLY C 47 20.02 2.58 -22.19
C GLY C 47 21.49 2.97 -22.19
N GLU C 48 22.18 2.65 -23.29
CA GLU C 48 23.60 2.98 -23.44
C GLU C 48 23.77 4.49 -23.40
N ALA C 49 22.72 5.19 -23.82
CA ALA C 49 22.73 6.66 -23.86
C ALA C 49 22.74 7.27 -22.48
N ARG C 50 21.90 6.73 -21.58
CA ARG C 50 21.81 7.25 -20.22
C ARG C 50 23.03 6.94 -19.38
N PHE C 51 23.48 5.69 -19.47
CA PHE C 51 24.63 5.21 -18.69
C PHE C 51 25.96 5.90 -18.95
N ARG C 52 26.39 5.88 -20.20
CA ARG C 52 27.65 6.47 -20.61
C ARG C 52 27.68 7.99 -20.35
N LYS C 53 26.49 8.60 -20.38
CA LYS C 53 26.36 10.04 -20.15
C LYS C 53 26.73 10.45 -18.72
N MET C 54 26.65 9.49 -17.80
CA MET C 54 26.92 9.75 -16.40
C MET C 54 28.40 9.82 -15.96
N PHE C 55 29.32 9.68 -16.91
CA PHE C 55 30.75 9.72 -16.58
C PHE C 55 31.43 11.07 -16.79
N PRO C 72 27.42 8.49 -9.04
CA PRO C 72 26.17 7.66 -9.07
C PRO C 72 26.56 6.18 -9.02
N LEU C 73 26.08 5.49 -8.00
CA LEU C 73 26.34 4.08 -7.77
C LEU C 73 26.18 3.11 -8.95
N ILE C 74 25.26 3.38 -9.85
CA ILE C 74 25.03 2.44 -10.95
C ILE C 74 26.18 2.45 -11.96
N THR C 75 27.10 3.42 -11.82
CA THR C 75 28.22 3.51 -12.73
C THR C 75 29.29 2.49 -12.37
N THR C 76 29.24 1.97 -11.13
CA THR C 76 30.18 0.94 -10.72
C THR C 76 29.41 -0.39 -10.66
N LEU C 77 28.31 -0.41 -9.92
CA LEU C 77 27.47 -1.59 -9.76
C LEU C 77 27.22 -2.36 -11.08
N LEU C 78 26.67 -1.68 -12.07
CA LEU C 78 26.34 -2.33 -13.33
C LEU C 78 27.54 -3.06 -13.98
N PRO C 79 28.61 -2.35 -14.36
CA PRO C 79 29.74 -3.08 -14.95
C PRO C 79 30.26 -4.27 -14.13
N LYS C 80 30.46 -4.08 -12.83
CA LYS C 80 30.96 -5.17 -11.98
C LYS C 80 30.02 -6.35 -12.04
N MET C 81 28.73 -6.08 -12.22
CA MET C 81 27.71 -7.12 -12.22
C MET C 81 27.59 -7.81 -13.58
N ILE C 82 27.64 -7.02 -14.64
CA ILE C 82 27.57 -7.58 -15.99
C ILE C 82 28.74 -8.55 -16.16
N ALA C 83 29.94 -8.07 -15.81
CA ALA C 83 31.15 -8.86 -15.92
C ALA C 83 31.08 -10.18 -15.14
N ARG C 84 30.42 -10.18 -13.99
CA ARG C 84 30.30 -11.39 -13.18
C ARG C 84 29.35 -12.41 -13.81
N ILE C 85 28.31 -11.93 -14.47
CA ILE C 85 27.37 -12.84 -15.12
C ILE C 85 28.04 -13.52 -16.31
N ASN C 86 28.84 -12.76 -17.05
CA ASN C 86 29.56 -13.29 -18.21
C ASN C 86 30.61 -14.34 -17.80
N ASP C 87 31.24 -14.13 -16.64
CA ASP C 87 32.24 -15.08 -16.16
C ASP C 87 31.58 -16.32 -15.58
N TRP C 88 30.40 -16.16 -14.96
CA TRP C 88 29.70 -17.28 -14.36
C TRP C 88 29.35 -18.26 -15.46
N PHE C 89 28.91 -17.71 -16.59
CA PHE C 89 28.56 -18.53 -17.74
C PHE C 89 29.75 -19.37 -18.20
N GLU C 90 30.95 -18.78 -18.25
CA GLU C 90 32.12 -19.53 -18.66
C GLU C 90 32.43 -20.65 -17.69
N GLU C 91 32.36 -20.38 -16.39
CA GLU C 91 32.63 -21.41 -15.39
C GLU C 91 31.65 -22.57 -15.51
N VAL C 92 30.40 -22.27 -15.87
CA VAL C 92 29.36 -23.28 -16.01
C VAL C 92 29.54 -24.19 -17.21
N LYS C 93 29.97 -23.60 -18.32
CA LYS C 93 30.16 -24.35 -19.54
C LYS C 93 31.44 -25.17 -19.50
N ALA C 94 32.43 -24.66 -18.78
CA ALA C 94 33.74 -25.29 -18.66
C ALA C 94 33.81 -26.56 -17.83
N LYS C 95 32.72 -26.97 -17.21
CA LYS C 95 32.80 -28.17 -16.41
C LYS C 95 31.75 -29.18 -16.81
N ARG C 96 32.02 -30.44 -16.53
CA ARG C 96 31.09 -31.50 -16.89
C ARG C 96 29.98 -31.53 -15.86
N GLY C 97 28.98 -32.40 -16.08
CA GLY C 97 27.88 -32.55 -15.15
C GLY C 97 26.62 -31.70 -15.31
N LYS C 98 25.67 -31.89 -14.40
CA LYS C 98 24.44 -31.13 -14.47
C LYS C 98 24.71 -29.62 -14.40
N ARG C 99 24.03 -28.86 -15.24
CA ARG C 99 24.19 -27.42 -15.22
C ARG C 99 23.19 -26.88 -14.19
N PRO C 100 23.59 -25.88 -13.39
CA PRO C 100 22.64 -25.35 -12.39
C PRO C 100 21.32 -24.90 -13.00
N THR C 101 20.23 -25.21 -12.31
CA THR C 101 18.92 -24.86 -12.80
C THR C 101 18.82 -23.40 -13.20
N ALA C 102 19.42 -22.53 -12.40
CA ALA C 102 19.37 -21.11 -12.69
C ALA C 102 19.92 -20.83 -14.10
N PHE C 103 21.06 -21.43 -14.41
CA PHE C 103 21.71 -21.26 -15.72
C PHE C 103 20.78 -21.57 -16.89
N GLN C 104 20.03 -22.66 -16.77
CA GLN C 104 19.10 -23.08 -17.80
C GLN C 104 18.26 -21.92 -18.32
N PHE C 105 17.63 -21.18 -17.39
CA PHE C 105 16.80 -20.06 -17.76
C PHE C 105 17.61 -18.79 -18.10
N LEU C 106 18.58 -18.44 -17.25
CA LEU C 106 19.38 -17.23 -17.43
C LEU C 106 20.26 -17.16 -18.68
N GLN C 107 20.72 -18.34 -19.10
CA GLN C 107 21.60 -18.48 -20.25
C GLN C 107 21.15 -17.70 -21.48
N GLU C 108 19.83 -17.62 -21.67
CA GLU C 108 19.24 -16.95 -22.82
C GLU C 108 19.05 -15.44 -22.74
N ILE C 109 18.94 -14.90 -21.54
CA ILE C 109 18.73 -13.47 -21.35
C ILE C 109 19.99 -12.61 -21.49
N LYS C 110 19.82 -11.46 -22.11
CA LYS C 110 20.93 -10.54 -22.30
C LYS C 110 21.47 -10.18 -20.90
N PRO C 111 22.77 -10.39 -20.67
CA PRO C 111 23.40 -10.08 -19.38
C PRO C 111 23.22 -8.66 -18.86
N GLU C 112 23.16 -7.69 -19.78
CA GLU C 112 22.98 -6.29 -19.39
C GLU C 112 21.63 -6.14 -18.73
N ALA C 113 20.68 -6.95 -19.17
CA ALA C 113 19.33 -6.91 -18.62
C ALA C 113 19.29 -7.62 -17.28
N VAL C 114 19.94 -8.77 -17.19
CA VAL C 114 19.98 -9.50 -15.94
C VAL C 114 20.59 -8.65 -14.83
N ALA C 115 21.71 -8.01 -15.12
CA ALA C 115 22.38 -7.18 -14.13
C ALA C 115 21.50 -6.00 -13.67
N TYR C 116 20.90 -5.31 -14.63
CA TYR C 116 20.10 -4.14 -14.31
C TYR C 116 18.84 -4.47 -13.51
N ILE C 117 18.18 -5.58 -13.86
CA ILE C 117 16.97 -6.00 -13.19
C ILE C 117 17.26 -6.41 -11.75
N THR C 118 18.39 -7.08 -11.56
CA THR C 118 18.86 -7.54 -10.25
C THR C 118 19.14 -6.35 -9.32
N ILE C 119 19.89 -5.39 -9.83
CA ILE C 119 20.23 -4.18 -9.06
C ILE C 119 18.94 -3.49 -8.59
N LYS C 120 18.11 -3.13 -9.56
CA LYS C 120 16.87 -2.42 -9.29
C LYS C 120 15.85 -3.12 -8.44
N THR C 121 15.69 -4.42 -8.66
CA THR C 121 14.71 -5.17 -7.90
C THR C 121 15.16 -5.30 -6.47
N THR C 122 16.44 -5.57 -6.29
CA THR C 122 16.95 -5.72 -4.95
C THR C 122 16.83 -4.43 -4.12
N LEU C 123 17.19 -3.30 -4.69
CA LEU C 123 17.08 -2.04 -3.94
C LEU C 123 15.62 -1.71 -3.62
N ALA C 124 14.73 -2.08 -4.54
CA ALA C 124 13.30 -1.85 -4.35
C ALA C 124 12.74 -2.68 -3.18
N CYS C 125 13.11 -3.96 -3.11
CA CYS C 125 12.64 -4.85 -2.05
C CYS C 125 13.14 -4.33 -0.69
N LEU C 126 14.33 -3.73 -0.68
CA LEU C 126 14.88 -3.17 0.55
C LEU C 126 14.11 -1.95 1.09
N THR C 127 13.18 -1.39 0.31
CA THR C 127 12.41 -0.25 0.79
C THR C 127 11.32 -0.79 1.70
N SER C 128 11.33 -2.10 1.92
CA SER C 128 10.35 -2.74 2.80
C SER C 128 10.99 -2.79 4.19
N ALA C 129 10.26 -2.36 5.20
CA ALA C 129 10.83 -2.34 6.55
C ALA C 129 10.91 -3.72 7.16
N ASP C 130 9.95 -4.55 6.79
CA ASP C 130 9.85 -5.90 7.31
C ASP C 130 10.37 -7.01 6.42
N ASN C 131 9.54 -7.44 5.47
CA ASN C 131 9.90 -8.54 4.59
C ASN C 131 10.99 -8.41 3.52
N THR C 132 12.20 -8.79 3.88
CA THR C 132 13.32 -8.83 2.94
C THR C 132 13.94 -10.22 3.07
N THR C 133 13.11 -11.25 3.30
CA THR C 133 13.67 -12.60 3.38
C THR C 133 14.24 -12.96 2.00
N VAL C 134 15.17 -13.89 1.96
CA VAL C 134 15.74 -14.31 0.68
C VAL C 134 14.65 -14.75 -0.30
N GLN C 135 13.51 -15.20 0.22
CA GLN C 135 12.41 -15.63 -0.65
C GLN C 135 11.77 -14.47 -1.37
N ALA C 136 11.44 -13.44 -0.61
CA ALA C 136 10.80 -12.29 -1.19
C ALA C 136 11.65 -11.66 -2.27
N VAL C 137 12.94 -11.54 -1.99
CA VAL C 137 13.78 -10.88 -2.95
C VAL C 137 14.05 -11.71 -4.20
N ALA C 138 14.37 -12.99 -4.01
CA ALA C 138 14.66 -13.87 -5.13
C ALA C 138 13.40 -14.06 -5.94
N SER C 139 12.25 -14.03 -5.26
CA SER C 139 10.97 -14.19 -5.93
C SER C 139 10.72 -13.00 -6.84
N ALA C 140 10.96 -11.79 -6.33
CA ALA C 140 10.75 -10.57 -7.10
C ALA C 140 11.72 -10.47 -8.30
N ILE C 141 12.92 -11.00 -8.12
CA ILE C 141 13.91 -10.97 -9.19
C ILE C 141 13.56 -11.98 -10.28
N GLY C 142 13.12 -13.17 -9.86
CA GLY C 142 12.77 -14.21 -10.82
C GLY C 142 11.63 -13.77 -11.71
N ARG C 143 10.63 -13.17 -11.09
CA ARG C 143 9.46 -12.66 -11.79
C ARG C 143 9.84 -11.63 -12.85
N ALA C 144 10.74 -10.72 -12.50
CA ALA C 144 11.16 -9.69 -13.43
C ALA C 144 12.07 -10.30 -14.51
N ILE C 145 12.96 -11.20 -14.13
CA ILE C 145 13.82 -11.84 -15.12
C ILE C 145 12.96 -12.55 -16.14
N GLU C 146 11.86 -13.16 -15.70
CA GLU C 146 10.99 -13.87 -16.61
C GLU C 146 10.25 -12.91 -17.57
N ASP C 147 9.95 -11.70 -17.10
CA ASP C 147 9.29 -10.73 -17.97
C ASP C 147 10.23 -10.52 -19.16
N GLU C 148 11.51 -10.24 -18.90
CA GLU C 148 12.50 -10.02 -19.96
C GLU C 148 12.72 -11.19 -20.92
N ALA C 149 12.82 -12.42 -20.41
CA ALA C 149 13.05 -13.59 -21.25
C ALA C 149 11.95 -13.57 -22.29
N ARG C 150 10.72 -13.46 -21.81
CA ARG C 150 9.55 -13.35 -22.68
C ARG C 150 9.54 -11.85 -22.98
N PHE C 151 8.92 -11.39 -24.05
CA PHE C 151 8.95 -9.92 -24.28
C PHE C 151 10.29 -9.25 -24.68
N GLY C 152 11.41 -9.84 -24.30
CA GLY C 152 12.69 -9.27 -24.70
C GLY C 152 12.89 -9.12 -26.22
N ARG C 153 12.54 -10.13 -26.98
CA ARG C 153 12.70 -10.04 -28.44
C ARG C 153 11.92 -8.85 -29.02
N ILE C 154 10.66 -8.72 -28.59
CA ILE C 154 9.82 -7.62 -29.04
C ILE C 154 10.27 -6.27 -28.50
N ARG C 155 11.06 -6.28 -27.44
CA ARG C 155 11.56 -5.05 -26.84
C ARG C 155 12.74 -4.57 -27.68
N ASP C 156 13.55 -5.51 -28.14
CA ASP C 156 14.72 -5.19 -28.92
C ASP C 156 14.28 -4.54 -30.24
N LEU C 157 13.24 -5.10 -30.84
CA LEU C 157 12.72 -4.60 -32.09
C LEU C 157 12.02 -3.27 -31.90
N GLU C 158 11.25 -3.18 -30.82
CA GLU C 158 10.51 -1.98 -30.50
C GLU C 158 11.48 -0.81 -30.34
N ALA C 159 12.59 -1.06 -29.65
CA ALA C 159 13.58 0.00 -29.43
C ALA C 159 14.22 0.41 -30.74
N LYS C 160 14.52 -0.56 -31.60
CA LYS C 160 15.15 -0.22 -32.89
C LYS C 160 14.18 0.65 -33.69
N HIS C 161 12.89 0.36 -33.53
CA HIS C 161 11.85 1.09 -34.25
C HIS C 161 11.64 2.54 -33.84
N PHE C 162 11.62 2.81 -32.54
CA PHE C 162 11.37 4.18 -32.12
C PHE C 162 12.61 5.02 -32.15
N LYS C 163 13.72 4.39 -32.49
CA LYS C 163 14.99 5.11 -32.62
C LYS C 163 14.96 5.88 -33.94
N LYS C 164 14.26 5.32 -34.94
CA LYS C 164 14.12 5.91 -36.27
C LYS C 164 12.98 6.94 -36.28
N ASN C 165 13.24 8.13 -36.79
CA ASN C 165 12.21 9.17 -36.83
C ASN C 165 11.04 8.72 -37.71
N VAL C 166 9.84 9.08 -37.27
CA VAL C 166 8.62 8.72 -38.00
C VAL C 166 8.55 9.47 -39.33
N GLU C 167 7.79 8.90 -40.27
CA GLU C 167 7.63 9.43 -41.62
C GLU C 167 6.93 10.77 -41.82
N GLU C 168 7.67 11.67 -42.45
CA GLU C 168 7.24 13.00 -42.85
C GLU C 168 6.24 13.85 -42.04
N GLN C 169 5.62 14.82 -42.73
CA GLN C 169 4.69 15.81 -42.17
C GLN C 169 5.03 16.24 -40.76
N LEU C 170 5.81 17.31 -40.69
CA LEU C 170 6.29 17.88 -39.47
C LEU C 170 5.23 18.25 -38.43
N ASN C 171 4.10 18.80 -38.88
CA ASN C 171 3.04 19.19 -37.95
C ASN C 171 2.58 18.03 -37.06
N LYS C 172 2.55 16.83 -37.63
CA LYS C 172 2.15 15.63 -36.90
C LYS C 172 3.23 15.26 -35.89
N ARG C 173 4.49 15.34 -36.30
CA ARG C 173 5.63 15.01 -35.45
C ARG C 173 5.94 16.09 -34.41
N VAL C 174 5.46 17.31 -34.63
CA VAL C 174 5.70 18.40 -33.68
C VAL C 174 5.19 17.90 -32.33
N GLY C 175 4.22 17.01 -32.40
CA GLY C 175 3.65 16.42 -31.20
C GLY C 175 3.10 17.36 -30.14
N HIS C 176 3.95 17.68 -29.16
CA HIS C 176 3.54 18.56 -28.07
C HIS C 176 2.77 19.80 -28.52
N VAL C 177 3.47 20.74 -29.16
CA VAL C 177 2.84 21.98 -29.59
C VAL C 177 2.23 22.50 -28.30
N TYR C 178 2.95 23.40 -27.62
CA TYR C 178 2.48 23.93 -26.35
C TYR C 178 1.04 24.42 -26.35
N LYS C 179 0.11 23.47 -26.48
CA LYS C 179 -1.31 23.74 -26.50
C LYS C 179 -1.77 23.77 -25.04
N LYS C 180 -1.77 24.95 -24.41
CA LYS C 180 -2.17 25.07 -23.01
C LYS C 180 -3.56 24.47 -22.78
N ALA C 181 -3.54 23.14 -22.68
CA ALA C 181 -4.68 22.26 -22.48
C ALA C 181 -3.88 20.96 -22.50
N PHE C 182 -4.22 19.99 -21.67
CA PHE C 182 -3.41 18.79 -21.64
C PHE C 182 -3.76 17.71 -22.64
N MET C 183 -2.78 16.86 -22.89
CA MET C 183 -2.99 15.76 -23.82
C MET C 183 -4.23 15.01 -23.35
N GLN C 184 -5.00 14.50 -24.31
CA GLN C 184 -6.20 13.78 -23.97
C GLN C 184 -5.99 12.31 -24.24
N VAL C 185 -6.60 11.48 -23.41
CA VAL C 185 -6.50 10.03 -23.56
C VAL C 185 -6.96 9.66 -24.97
N VAL C 186 -6.61 8.46 -25.40
CA VAL C 186 -6.99 7.99 -26.71
C VAL C 186 -8.37 7.34 -26.59
N GLU C 187 -9.08 7.30 -27.71
CA GLU C 187 -10.40 6.69 -27.76
C GLU C 187 -10.25 5.19 -27.83
N ALA C 188 -11.06 4.45 -27.08
CA ALA C 188 -11.00 2.99 -27.07
C ALA C 188 -10.93 2.39 -28.48
N ASP C 189 -11.90 2.74 -29.32
CA ASP C 189 -11.95 2.23 -30.68
C ASP C 189 -10.79 2.67 -31.56
N MET C 190 -10.01 3.64 -31.09
CA MET C 190 -8.86 4.13 -31.85
C MET C 190 -7.64 3.28 -31.55
N LEU C 191 -7.86 2.14 -30.87
CA LEU C 191 -6.77 1.26 -30.50
C LEU C 191 -6.71 0.01 -31.35
N SER C 192 -5.61 -0.15 -32.08
CA SER C 192 -5.38 -1.32 -32.93
C SER C 192 -5.42 -2.56 -32.04
N LYS C 193 -5.89 -3.67 -32.60
CA LYS C 193 -5.97 -4.92 -31.84
C LYS C 193 -4.59 -5.35 -31.33
N GLY C 194 -3.54 -4.91 -32.00
CA GLY C 194 -2.20 -5.26 -31.58
C GLY C 194 -1.79 -4.54 -30.31
N LEU C 195 -2.71 -3.76 -29.76
CA LEU C 195 -2.46 -3.02 -28.53
C LEU C 195 -3.27 -3.62 -27.37
N LEU C 196 -4.22 -4.50 -27.69
CA LEU C 196 -5.03 -5.14 -26.66
C LEU C 196 -4.16 -6.19 -25.95
N GLY C 197 -3.39 -5.71 -24.96
CA GLY C 197 -2.48 -6.56 -24.20
C GLY C 197 -2.98 -7.94 -23.82
N GLY C 198 -2.03 -8.83 -23.52
CA GLY C 198 -2.38 -10.19 -23.14
C GLY C 198 -1.30 -10.91 -22.36
N GLU C 199 -1.72 -11.58 -21.28
CA GLU C 199 -0.84 -12.37 -20.42
C GLU C 199 0.00 -11.61 -19.42
N ALA C 200 -0.62 -11.36 -18.26
CA ALA C 200 -0.01 -10.64 -17.16
C ALA C 200 0.55 -11.58 -16.11
N TRP C 201 0.16 -12.84 -16.19
CA TRP C 201 0.61 -13.85 -15.23
C TRP C 201 1.80 -14.67 -15.65
N SER C 202 2.72 -14.86 -14.71
CA SER C 202 3.93 -15.62 -14.94
C SER C 202 3.62 -17.07 -15.20
N SER C 203 4.49 -17.75 -15.94
CA SER C 203 4.29 -19.16 -16.23
C SER C 203 5.40 -20.07 -15.68
N TRP C 204 6.44 -19.50 -15.11
CA TRP C 204 7.53 -20.29 -14.52
C TRP C 204 7.11 -20.84 -13.15
N HIS C 205 7.60 -22.03 -12.80
CA HIS C 205 7.31 -22.59 -11.50
C HIS C 205 8.10 -21.77 -10.44
N LYS C 206 7.56 -21.66 -9.23
CA LYS C 206 8.22 -20.93 -8.14
C LYS C 206 9.64 -21.44 -7.91
N GLU C 207 9.81 -22.77 -7.94
CA GLU C 207 11.13 -23.39 -7.76
C GLU C 207 12.16 -22.76 -8.69
N ASP C 208 11.79 -22.60 -9.95
CA ASP C 208 12.71 -22.04 -10.93
C ASP C 208 12.93 -20.53 -10.75
N SER C 209 11.85 -19.83 -10.42
CA SER C 209 11.90 -18.39 -10.22
C SER C 209 12.86 -18.08 -9.08
N ILE C 210 12.75 -18.87 -8.01
CA ILE C 210 13.62 -18.67 -6.86
C ILE C 210 15.04 -19.10 -7.20
N HIS C 211 15.17 -20.15 -8.00
CA HIS C 211 16.50 -20.63 -8.42
C HIS C 211 17.18 -19.45 -9.10
N VAL C 212 16.51 -18.86 -10.07
CA VAL C 212 17.06 -17.71 -10.78
C VAL C 212 17.33 -16.52 -9.85
N GLY C 213 16.35 -16.20 -9.00
CA GLY C 213 16.52 -15.07 -8.09
C GLY C 213 17.69 -15.20 -7.14
N VAL C 214 17.86 -16.39 -6.58
CA VAL C 214 18.97 -16.64 -5.68
C VAL C 214 20.32 -16.50 -6.40
N ARG C 215 20.45 -17.15 -7.56
CA ARG C 215 21.72 -17.03 -8.27
C ARG C 215 22.07 -15.58 -8.59
N CYS C 216 21.08 -14.77 -8.96
CA CYS C 216 21.34 -13.38 -9.27
C CYS C 216 21.77 -12.63 -8.01
N ILE C 217 21.07 -12.85 -6.90
CA ILE C 217 21.44 -12.20 -5.64
C ILE C 217 22.88 -12.59 -5.34
N GLU C 218 23.18 -13.87 -5.52
CA GLU C 218 24.51 -14.45 -5.26
C GLU C 218 25.61 -13.73 -6.04
N MET C 219 25.38 -13.49 -7.32
CA MET C 219 26.35 -12.80 -8.15
C MET C 219 26.49 -11.33 -7.76
N LEU C 220 25.41 -10.69 -7.31
CA LEU C 220 25.45 -9.30 -6.90
C LEU C 220 26.32 -9.16 -5.63
N ILE C 221 26.18 -10.12 -4.71
CA ILE C 221 26.98 -10.12 -3.50
C ILE C 221 28.44 -10.31 -3.88
N GLU C 222 28.66 -11.13 -4.90
CA GLU C 222 30.00 -11.43 -5.37
C GLU C 222 30.69 -10.26 -6.09
N SER C 223 30.11 -9.82 -7.20
CA SER C 223 30.68 -8.75 -8.00
C SER C 223 30.80 -7.42 -7.27
N THR C 224 29.77 -7.08 -6.50
CA THR C 224 29.78 -5.83 -5.73
C THR C 224 29.44 -6.29 -4.32
N GLY C 225 29.59 -5.44 -3.32
CA GLY C 225 29.22 -5.92 -2.01
C GLY C 225 27.98 -5.16 -1.60
N MET C 226 27.11 -4.89 -2.56
CA MET C 226 25.93 -4.11 -2.28
C MET C 226 25.06 -4.65 -1.15
N VAL C 227 24.81 -5.96 -1.13
CA VAL C 227 24.03 -6.58 -0.04
C VAL C 227 24.77 -7.78 0.55
N SER C 228 24.20 -8.32 1.62
CA SER C 228 24.79 -9.45 2.30
C SER C 228 23.63 -10.31 2.86
N LEU C 229 23.94 -11.55 3.18
CA LEU C 229 22.93 -12.45 3.70
C LEU C 229 23.05 -12.60 5.22
N HIS C 230 21.93 -12.42 5.92
CA HIS C 230 21.96 -12.53 7.37
C HIS C 230 20.95 -13.50 7.94
N ARG C 231 21.44 -14.46 8.73
CA ARG C 231 20.58 -15.45 9.35
C ARG C 231 19.97 -14.82 10.61
N GLN C 232 18.63 -14.87 10.70
CA GLN C 232 17.91 -14.31 11.84
C GLN C 232 17.27 -15.38 12.74
N ASN C 233 17.46 -15.24 14.05
CA ASN C 233 16.93 -16.17 15.04
C ASN C 233 17.27 -17.63 14.72
N ALA C 234 18.56 -17.95 14.73
CA ALA C 234 19.01 -19.30 14.42
C ALA C 234 18.59 -20.34 15.44
N GLY C 235 17.58 -21.15 15.11
CA GLY C 235 17.14 -22.17 16.03
C GLY C 235 15.68 -22.12 16.39
N VAL C 236 15.00 -21.04 16.02
CA VAL C 236 13.59 -20.91 16.35
C VAL C 236 12.68 -21.31 15.19
N VAL C 237 12.04 -22.46 15.31
CA VAL C 237 11.15 -22.97 14.28
C VAL C 237 10.18 -21.94 13.74
N GLY C 238 9.80 -20.98 14.58
CA GLY C 238 8.85 -19.97 14.13
C GLY C 238 9.44 -18.68 13.60
N GLN C 239 10.70 -18.41 13.91
CA GLN C 239 11.31 -17.18 13.47
C GLN C 239 12.61 -17.29 12.66
N ASP C 240 13.12 -18.50 12.46
CA ASP C 240 14.36 -18.63 11.73
C ASP C 240 14.19 -18.05 10.30
N SER C 241 15.15 -17.24 9.87
CA SER C 241 15.06 -16.63 8.54
C SER C 241 16.41 -16.27 7.96
N GLU C 242 16.41 -16.11 6.63
CA GLU C 242 17.60 -15.71 5.90
C GLU C 242 17.19 -14.36 5.25
N THR C 243 17.88 -13.26 5.56
CA THR C 243 17.49 -11.97 5.00
C THR C 243 18.58 -11.21 4.28
N ILE C 244 18.15 -10.35 3.36
CA ILE C 244 19.07 -9.51 2.61
C ILE C 244 19.21 -8.19 3.36
N GLU C 245 20.44 -7.75 3.55
CA GLU C 245 20.70 -6.51 4.26
C GLU C 245 21.62 -5.64 3.42
N LEU C 246 21.25 -4.39 3.23
CA LEU C 246 22.09 -3.50 2.46
C LEU C 246 23.38 -3.27 3.24
N ALA C 247 24.52 -3.31 2.56
CA ALA C 247 25.80 -3.11 3.23
C ALA C 247 26.00 -1.67 3.73
N PRO C 248 26.60 -1.51 4.92
CA PRO C 248 26.84 -0.19 5.53
C PRO C 248 27.50 0.81 4.57
N GLU C 249 28.43 0.34 3.76
CA GLU C 249 29.11 1.21 2.79
C GLU C 249 28.08 1.91 1.93
N TYR C 250 27.16 1.13 1.35
CA TYR C 250 26.14 1.73 0.49
C TYR C 250 25.07 2.52 1.23
N ALA C 251 24.67 2.04 2.39
CA ALA C 251 23.66 2.71 3.19
C ALA C 251 24.10 4.14 3.44
N GLU C 252 25.39 4.31 3.72
CA GLU C 252 25.94 5.62 4.00
C GLU C 252 26.08 6.48 2.76
N ALA C 253 26.37 5.86 1.62
CA ALA C 253 26.52 6.63 0.37
C ALA C 253 25.17 7.15 -0.10
N ILE C 254 24.15 6.31 -0.06
CA ILE C 254 22.79 6.68 -0.46
C ILE C 254 22.27 7.77 0.46
N ALA C 255 22.62 7.67 1.74
CA ALA C 255 22.19 8.63 2.73
C ALA C 255 22.88 9.98 2.59
N THR C 256 24.20 9.97 2.41
CA THR C 256 24.96 11.20 2.36
C THR C 256 25.27 11.83 1.01
N ARG C 257 25.11 11.07 -0.08
CA ARG C 257 25.41 11.64 -1.39
C ARG C 257 24.18 12.11 -2.13
N ALA C 258 24.36 13.10 -3.01
CA ALA C 258 23.24 13.63 -3.78
C ALA C 258 23.08 12.90 -5.11
N GLY C 259 22.01 12.12 -5.25
CA GLY C 259 21.77 11.40 -6.48
C GLY C 259 22.49 10.06 -6.59
N ALA C 260 22.78 9.44 -5.46
CA ALA C 260 23.43 8.13 -5.46
C ALA C 260 22.65 7.11 -6.32
N LEU C 261 21.33 7.24 -6.32
CA LEU C 261 20.43 6.34 -7.05
C LEU C 261 20.06 6.86 -8.43
N ALA C 262 20.73 7.94 -8.83
CA ALA C 262 20.52 8.63 -10.09
C ALA C 262 19.90 7.86 -11.22
N GLY C 263 20.59 6.88 -11.77
CA GLY C 263 19.99 6.14 -12.87
C GLY C 263 19.35 4.83 -12.48
N ILE C 264 18.87 4.74 -11.25
CA ILE C 264 18.25 3.50 -10.79
C ILE C 264 16.84 3.82 -10.36
N SER C 265 15.94 3.86 -11.33
CA SER C 265 14.55 4.17 -11.07
C SER C 265 13.72 2.96 -10.68
N PRO C 266 12.55 3.19 -10.06
CA PRO C 266 11.70 2.06 -9.66
C PRO C 266 11.30 1.28 -10.89
N MET C 267 10.87 0.03 -10.72
CA MET C 267 10.47 -0.77 -11.86
C MET C 267 9.23 -0.18 -12.55
N PHE C 268 8.32 0.39 -11.78
CA PHE C 268 7.13 0.98 -12.36
C PHE C 268 7.18 2.50 -12.19
N GLN C 269 7.17 3.23 -13.30
CA GLN C 269 7.27 4.69 -13.28
C GLN C 269 6.05 5.37 -13.88
N PRO C 270 5.95 6.70 -13.74
CA PRO C 270 4.84 7.46 -14.25
C PRO C 270 4.94 7.54 -15.77
N CYS C 271 3.84 7.88 -16.42
CA CYS C 271 3.82 8.02 -17.85
C CYS C 271 3.99 9.51 -18.13
N VAL C 272 4.55 9.83 -19.29
CA VAL C 272 4.78 11.21 -19.71
C VAL C 272 3.67 11.59 -20.72
N VAL C 273 2.79 10.63 -20.98
CA VAL C 273 1.64 10.83 -21.86
C VAL C 273 0.45 10.11 -21.21
N PRO C 274 -0.80 10.49 -21.55
CA PRO C 274 -1.94 9.79 -20.93
C PRO C 274 -1.80 8.28 -21.14
N PRO C 275 -2.03 7.46 -20.09
CA PRO C 275 -1.93 6.00 -20.09
C PRO C 275 -2.92 5.38 -21.02
N LYS C 276 -2.67 4.15 -21.42
CA LYS C 276 -3.58 3.44 -22.29
C LYS C 276 -4.81 3.07 -21.47
N PRO C 277 -6.02 3.29 -22.00
CA PRO C 277 -7.28 2.99 -21.32
C PRO C 277 -7.52 1.51 -21.18
N TRP C 278 -8.15 1.12 -20.08
CA TRP C 278 -8.46 -0.28 -19.87
C TRP C 278 -9.74 -0.62 -20.65
N THR C 279 -9.67 -1.70 -21.41
CA THR C 279 -10.77 -2.17 -22.22
C THR C 279 -11.07 -3.59 -21.85
N GLY C 280 -10.09 -4.24 -21.24
CA GLY C 280 -10.24 -5.62 -20.83
C GLY C 280 -9.41 -6.03 -19.61
N ILE C 281 -9.34 -7.34 -19.42
CA ILE C 281 -8.64 -7.98 -18.32
C ILE C 281 -7.18 -7.60 -18.15
N THR C 282 -6.46 -7.33 -19.25
CA THR C 282 -5.03 -6.96 -19.20
C THR C 282 -4.57 -5.92 -20.24
N GLY C 283 -3.29 -5.56 -20.17
CA GLY C 283 -2.72 -4.63 -21.14
C GLY C 283 -3.06 -3.16 -21.04
N GLY C 284 -3.69 -2.76 -19.95
CA GLY C 284 -4.04 -1.36 -19.82
C GLY C 284 -2.94 -0.59 -19.14
N GLY C 285 -3.05 0.74 -19.13
CA GLY C 285 -2.05 1.54 -18.47
C GLY C 285 -0.81 1.86 -19.26
N TYR C 286 0.13 0.91 -19.36
CA TYR C 286 1.37 1.16 -20.09
C TYR C 286 1.24 0.93 -21.57
N TRP C 287 2.11 1.60 -22.35
CA TRP C 287 2.03 1.48 -23.80
C TRP C 287 2.88 0.48 -24.52
N ALA C 288 4.10 0.24 -24.05
CA ALA C 288 5.05 -0.67 -24.71
C ALA C 288 4.52 -2.09 -24.93
N ASN C 289 5.03 -2.77 -25.95
CA ASN C 289 4.61 -4.16 -26.21
C ASN C 289 5.78 -5.04 -25.84
N GLY C 290 6.92 -4.40 -25.61
CA GLY C 290 8.12 -5.10 -25.22
C GLY C 290 8.23 -5.11 -23.70
N ARG C 291 7.11 -5.38 -23.04
CA ARG C 291 7.04 -5.41 -21.58
C ARG C 291 5.98 -6.42 -21.19
N ARG C 292 5.93 -6.77 -19.91
CA ARG C 292 4.91 -7.67 -19.41
C ARG C 292 3.70 -6.77 -19.12
N PRO C 293 2.55 -7.06 -19.76
CA PRO C 293 1.35 -6.23 -19.54
C PRO C 293 0.84 -6.35 -18.11
N LEU C 294 0.09 -5.34 -17.69
CA LEU C 294 -0.46 -5.34 -16.34
C LEU C 294 -1.79 -6.07 -16.29
N ALA C 295 -2.21 -6.47 -15.10
CA ALA C 295 -3.50 -7.13 -14.92
C ALA C 295 -4.46 -6.07 -14.34
N LEU C 296 -5.70 -6.08 -14.81
CA LEU C 296 -6.71 -5.14 -14.32
C LEU C 296 -7.00 -5.38 -12.83
N VAL C 297 -6.86 -6.64 -12.42
CA VAL C 297 -7.11 -7.05 -11.03
C VAL C 297 -5.93 -7.91 -10.57
N ARG C 298 -5.38 -7.61 -9.40
CA ARG C 298 -4.27 -8.39 -8.85
C ARG C 298 -4.85 -9.58 -8.10
N THR C 299 -4.75 -10.75 -8.70
CA THR C 299 -5.30 -11.94 -8.07
C THR C 299 -4.20 -12.85 -7.56
N HIS C 300 -4.59 -13.95 -6.92
CA HIS C 300 -3.64 -14.90 -6.37
C HIS C 300 -3.22 -15.93 -7.44
N SER C 301 -3.94 -15.96 -8.55
CA SER C 301 -3.61 -16.91 -9.62
C SER C 301 -4.15 -16.47 -10.96
N LYS C 302 -3.60 -17.04 -12.03
CA LYS C 302 -4.06 -16.74 -13.38
C LYS C 302 -5.54 -17.11 -13.46
N LYS C 303 -5.89 -18.25 -12.88
CA LYS C 303 -7.27 -18.73 -12.88
C LYS C 303 -8.23 -17.70 -12.33
N ALA C 304 -7.92 -17.17 -11.14
CA ALA C 304 -8.76 -16.18 -10.48
C ALA C 304 -8.94 -14.91 -11.31
N LEU C 305 -7.90 -14.55 -12.05
CA LEU C 305 -7.93 -13.37 -12.90
C LEU C 305 -8.83 -13.65 -14.09
N MET C 306 -8.69 -14.85 -14.67
CA MET C 306 -9.51 -15.23 -15.81
C MET C 306 -11.02 -15.07 -15.56
N ARG C 307 -11.46 -15.20 -14.32
CA ARG C 307 -12.87 -15.02 -14.02
C ARG C 307 -13.43 -13.65 -14.49
N TYR C 308 -12.57 -12.65 -14.62
CA TYR C 308 -13.04 -11.34 -15.03
C TYR C 308 -13.10 -11.15 -16.54
N GLU C 309 -12.45 -12.05 -17.27
CA GLU C 309 -12.36 -11.97 -18.72
C GLU C 309 -13.64 -11.60 -19.46
N ASP C 310 -14.74 -12.27 -19.15
CA ASP C 310 -15.99 -11.95 -19.84
C ASP C 310 -17.04 -11.53 -18.86
N VAL C 311 -16.72 -10.54 -18.03
CA VAL C 311 -17.65 -10.09 -17.02
C VAL C 311 -18.58 -8.96 -17.41
N TYR C 312 -18.06 -7.89 -18.00
CA TYR C 312 -18.91 -6.76 -18.37
C TYR C 312 -19.26 -5.95 -17.12
N MET C 313 -18.57 -4.85 -16.92
CA MET C 313 -18.77 -3.98 -15.77
C MET C 313 -18.32 -2.60 -16.21
N PRO C 314 -19.14 -1.94 -17.03
CA PRO C 314 -18.96 -0.62 -17.61
C PRO C 314 -18.52 0.47 -16.65
N GLU C 315 -19.17 0.51 -15.50
CA GLU C 315 -18.85 1.52 -14.50
C GLU C 315 -17.47 1.34 -13.88
N VAL C 316 -17.04 0.09 -13.79
CA VAL C 316 -15.73 -0.21 -13.24
C VAL C 316 -14.64 0.35 -14.17
N TYR C 317 -14.71 -0.02 -15.45
CA TYR C 317 -13.73 0.44 -16.44
C TYR C 317 -13.77 1.96 -16.57
N LYS C 318 -14.97 2.51 -16.55
CA LYS C 318 -15.17 3.95 -16.66
C LYS C 318 -14.45 4.68 -15.53
N ALA C 319 -14.59 4.13 -14.33
CA ALA C 319 -13.99 4.73 -13.15
C ALA C 319 -12.46 4.69 -13.22
N ILE C 320 -11.92 3.50 -13.41
CA ILE C 320 -10.47 3.32 -13.51
C ILE C 320 -9.92 4.23 -14.61
N ASN C 321 -10.63 4.34 -15.73
CA ASN C 321 -10.13 5.17 -16.83
C ASN C 321 -10.20 6.66 -16.55
N ILE C 322 -11.14 7.09 -15.72
CA ILE C 322 -11.18 8.50 -15.42
C ILE C 322 -10.05 8.86 -14.47
N ALA C 323 -9.80 8.03 -13.48
CA ALA C 323 -8.74 8.32 -12.52
C ALA C 323 -7.40 8.32 -13.22
N GLN C 324 -7.21 7.33 -14.06
CA GLN C 324 -5.99 7.16 -14.83
C GLN C 324 -5.69 8.38 -15.67
N ASN C 325 -6.74 9.04 -16.14
CA ASN C 325 -6.60 10.20 -16.99
C ASN C 325 -6.33 11.52 -16.26
N THR C 326 -6.09 11.49 -14.95
CA THR C 326 -5.81 12.71 -14.20
C THR C 326 -4.36 13.14 -14.43
N ALA C 327 -4.14 14.40 -14.79
CA ALA C 327 -2.79 14.85 -15.05
C ALA C 327 -2.11 15.47 -13.81
N TRP C 328 -0.87 15.10 -13.56
CA TRP C 328 -0.14 15.63 -12.41
C TRP C 328 1.15 16.29 -12.84
N LYS C 329 1.82 16.87 -11.85
CA LYS C 329 3.10 17.47 -12.09
C LYS C 329 3.81 17.64 -10.77
N ILE C 330 5.14 17.68 -10.84
CA ILE C 330 5.98 17.83 -9.68
C ILE C 330 5.87 19.23 -9.12
N ASN C 331 5.73 19.29 -7.80
CA ASN C 331 5.62 20.58 -7.14
C ASN C 331 7.03 21.07 -6.89
N LYS C 332 7.56 21.83 -7.84
CA LYS C 332 8.91 22.33 -7.73
C LYS C 332 9.29 23.03 -6.42
N LYS C 333 8.43 23.88 -5.87
CA LYS C 333 8.81 24.58 -4.65
C LYS C 333 9.08 23.60 -3.50
N VAL C 334 8.23 22.60 -3.36
CA VAL C 334 8.42 21.60 -2.30
C VAL C 334 9.66 20.74 -2.63
N LEU C 335 9.83 20.37 -3.89
CA LEU C 335 10.98 19.59 -4.34
C LEU C 335 12.27 20.31 -3.96
N ALA C 336 12.32 21.63 -4.20
CA ALA C 336 13.52 22.40 -3.90
C ALA C 336 13.89 22.32 -2.45
N VAL C 337 12.88 22.27 -1.58
CA VAL C 337 13.13 22.18 -0.14
C VAL C 337 13.49 20.76 0.27
N ALA C 338 12.79 19.81 -0.32
CA ALA C 338 13.01 18.41 0.01
C ALA C 338 14.45 18.05 -0.31
N ASN C 339 14.90 18.42 -1.51
CA ASN C 339 16.25 18.17 -1.96
C ASN C 339 17.32 18.68 -1.04
N VAL C 340 17.04 19.75 -0.32
CA VAL C 340 18.06 20.32 0.54
C VAL C 340 18.05 19.85 1.99
N ILE C 341 16.89 19.80 2.63
CA ILE C 341 16.89 19.40 4.02
C ILE C 341 17.09 17.91 4.27
N THR C 342 16.69 17.06 3.32
CA THR C 342 16.85 15.61 3.49
C THR C 342 18.31 15.21 3.51
N LYS C 343 19.21 16.13 3.22
CA LYS C 343 20.63 15.83 3.24
C LYS C 343 21.31 16.42 4.47
N TRP C 344 20.53 17.04 5.35
CA TRP C 344 21.08 17.65 6.56
C TRP C 344 21.26 16.61 7.63
N LYS C 345 22.26 16.79 8.47
CA LYS C 345 22.53 15.85 9.56
C LYS C 345 21.49 15.99 10.70
N HIS C 346 20.59 16.95 10.56
CA HIS C 346 19.57 17.17 11.58
C HIS C 346 18.41 17.79 10.83
N CYS C 347 17.45 16.97 10.44
CA CYS C 347 16.32 17.46 9.67
C CYS C 347 15.17 18.00 10.54
N PRO C 348 14.63 19.20 10.19
CA PRO C 348 13.53 19.79 10.95
C PRO C 348 12.27 18.90 10.87
N VAL C 349 12.15 18.12 9.80
CA VAL C 349 11.03 17.20 9.68
C VAL C 349 11.53 15.93 10.36
N GLU C 350 11.05 15.69 11.57
CA GLU C 350 11.46 14.55 12.39
C GLU C 350 11.28 13.16 11.80
N ASP C 351 10.41 13.03 10.81
CA ASP C 351 10.15 11.73 10.19
C ASP C 351 11.03 11.42 8.99
N ILE C 352 12.18 12.08 8.93
CA ILE C 352 13.14 11.86 7.86
C ILE C 352 14.25 11.04 8.50
N PRO C 353 14.46 9.81 8.00
CA PRO C 353 15.51 8.94 8.56
C PRO C 353 16.82 9.67 8.78
N ALA C 354 17.33 9.60 10.00
CA ALA C 354 18.59 10.26 10.34
C ALA C 354 19.73 9.65 9.55
N ILE C 355 20.74 10.46 9.24
CA ILE C 355 21.90 10.04 8.48
C ILE C 355 22.90 9.21 9.27
N GLU C 356 23.15 9.58 10.53
CA GLU C 356 24.08 8.83 11.39
C GLU C 356 23.39 7.58 11.93
N ARG C 357 24.17 6.55 12.24
CA ARG C 357 23.61 5.31 12.77
C ARG C 357 23.44 5.44 14.27
N GLU C 358 23.06 4.34 14.90
CA GLU C 358 22.86 4.31 16.34
C GLU C 358 23.75 3.20 16.89
N GLU C 359 24.77 3.61 17.65
CA GLU C 359 25.70 2.65 18.23
C GLU C 359 24.98 1.64 19.13
N LEU C 360 25.55 0.44 19.22
CA LEU C 360 24.98 -0.62 20.05
C LEU C 360 25.14 -0.24 21.51
N PRO C 361 24.13 -0.53 22.35
CA PRO C 361 24.23 -0.20 23.77
C PRO C 361 25.43 -0.91 24.40
N MET C 362 26.46 -0.12 24.74
CA MET C 362 27.69 -0.65 25.35
C MET C 362 27.38 -1.76 26.35
N LYS C 363 28.07 -2.89 26.24
CA LYS C 363 27.87 -4.01 27.15
C LYS C 363 28.18 -3.53 28.56
N PRO C 364 27.50 -4.09 29.58
CA PRO C 364 27.70 -3.69 30.99
C PRO C 364 29.10 -3.95 31.57
N GLU C 365 30.05 -4.36 30.71
CA GLU C 365 31.41 -4.65 31.13
C GLU C 365 31.40 -5.81 32.14
N ASP C 366 30.21 -6.09 32.68
CA ASP C 366 30.00 -7.18 33.63
C ASP C 366 28.92 -8.03 33.00
N ILE C 367 28.97 -8.10 31.67
CA ILE C 367 28.01 -8.87 30.88
C ILE C 367 27.97 -10.34 31.28
N ASP C 368 29.14 -10.90 31.60
CA ASP C 368 29.22 -12.31 32.02
C ASP C 368 28.10 -12.60 33.03
N MET C 369 27.71 -11.58 33.80
CA MET C 369 26.63 -11.70 34.78
C MET C 369 25.43 -12.25 34.03
N ASN C 370 24.82 -13.30 34.56
CA ASN C 370 23.68 -13.91 33.90
C ASN C 370 22.28 -13.46 34.33
N PRO C 371 22.16 -12.31 35.02
CA PRO C 371 20.79 -11.96 35.38
C PRO C 371 20.04 -11.65 34.09
N GLU C 372 18.82 -11.15 34.19
CA GLU C 372 18.08 -10.82 32.98
C GLU C 372 18.76 -9.63 32.30
N ALA C 373 20.04 -9.46 32.60
CA ALA C 373 20.86 -8.38 32.04
C ALA C 373 21.33 -8.75 30.63
N LEU C 374 21.96 -9.91 30.50
CA LEU C 374 22.46 -10.35 29.21
C LEU C 374 21.29 -10.90 28.40
N THR C 375 20.09 -10.72 28.94
CA THR C 375 18.87 -11.16 28.28
C THR C 375 18.15 -9.90 27.83
N ALA C 376 18.04 -8.93 28.74
CA ALA C 376 17.39 -7.66 28.46
C ALA C 376 18.28 -6.87 27.49
N TRP C 377 19.58 -7.11 27.57
CA TRP C 377 20.55 -6.46 26.70
C TRP C 377 20.40 -7.06 25.30
N LYS C 378 20.22 -8.38 25.23
CA LYS C 378 20.03 -9.09 23.97
C LYS C 378 18.77 -8.55 23.31
N ARG C 379 17.89 -7.99 24.12
CA ARG C 379 16.64 -7.42 23.63
C ARG C 379 16.86 -5.95 23.22
N ALA C 380 17.75 -5.27 23.94
CA ALA C 380 18.06 -3.86 23.67
C ALA C 380 18.80 -3.72 22.35
N ALA C 381 19.80 -4.57 22.14
CA ALA C 381 20.57 -4.53 20.90
C ALA C 381 19.66 -4.93 19.72
N ALA C 382 18.97 -6.06 19.86
CA ALA C 382 18.08 -6.52 18.82
C ALA C 382 17.21 -5.37 18.33
N ALA C 383 16.70 -4.60 19.29
CA ALA C 383 15.85 -3.45 18.98
C ALA C 383 16.58 -2.45 18.08
N VAL C 384 17.79 -2.08 18.47
CA VAL C 384 18.61 -1.14 17.72
C VAL C 384 18.88 -1.59 16.29
N TYR C 385 19.00 -2.90 16.10
CA TYR C 385 19.24 -3.43 14.78
C TYR C 385 17.97 -3.29 13.98
N ARG C 386 16.85 -3.51 14.67
CA ARG C 386 15.52 -3.43 14.07
C ARG C 386 15.24 -1.99 13.62
N LYS C 387 15.67 -1.01 14.39
CA LYS C 387 15.45 0.38 14.00
C LYS C 387 16.41 0.82 12.90
N ASP C 388 17.65 0.35 12.96
CA ASP C 388 18.63 0.67 11.95
C ASP C 388 18.14 0.14 10.58
N LYS C 389 17.58 -1.06 10.57
CA LYS C 389 17.07 -1.61 9.32
C LYS C 389 15.96 -0.72 8.81
N ALA C 390 14.98 -0.43 9.66
CA ALA C 390 13.88 0.44 9.26
C ALA C 390 14.42 1.80 8.77
N ARG C 391 15.46 2.30 9.43
CA ARG C 391 16.04 3.57 9.04
C ARG C 391 16.69 3.49 7.66
N LYS C 392 17.36 2.39 7.36
CA LYS C 392 17.98 2.27 6.04
C LYS C 392 16.88 2.10 4.99
N SER C 393 15.84 1.35 5.31
CA SER C 393 14.82 1.17 4.31
C SER C 393 14.08 2.49 4.00
N ARG C 394 13.70 3.23 5.04
CA ARG C 394 13.00 4.49 4.86
C ARG C 394 13.89 5.45 4.06
N ARG C 395 15.19 5.36 4.27
CA ARG C 395 16.13 6.19 3.54
C ARG C 395 16.12 5.85 2.05
N ILE C 396 16.29 4.57 1.72
CA ILE C 396 16.33 4.08 0.35
C ILE C 396 15.05 4.54 -0.34
N SER C 397 13.95 4.36 0.37
CA SER C 397 12.64 4.74 -0.15
C SER C 397 12.56 6.23 -0.47
N LEU C 398 12.88 7.06 0.52
CA LEU C 398 12.87 8.51 0.41
C LEU C 398 13.69 8.94 -0.81
N GLU C 399 14.84 8.28 -1.02
CA GLU C 399 15.72 8.60 -2.15
C GLU C 399 15.14 8.18 -3.51
N PHE C 400 14.39 7.08 -3.55
CA PHE C 400 13.76 6.70 -4.82
C PHE C 400 12.76 7.82 -5.17
N MET C 401 11.95 8.25 -4.20
CA MET C 401 10.96 9.29 -4.44
C MET C 401 11.61 10.56 -4.97
N LEU C 402 12.70 10.99 -4.34
CA LEU C 402 13.40 12.18 -4.75
C LEU C 402 14.01 12.01 -6.13
N GLU C 403 14.49 10.81 -6.43
CA GLU C 403 15.12 10.58 -7.74
C GLU C 403 14.06 10.68 -8.83
N GLN C 404 12.85 10.29 -8.48
CA GLN C 404 11.74 10.31 -9.42
C GLN C 404 11.12 11.73 -9.51
N ALA C 405 11.07 12.47 -8.41
CA ALA C 405 10.49 13.81 -8.47
C ALA C 405 11.42 14.71 -9.27
N ASN C 406 12.72 14.56 -9.09
CA ASN C 406 13.73 15.35 -9.84
C ASN C 406 13.81 14.90 -11.31
N LYS C 407 13.48 13.65 -11.59
CA LYS C 407 13.54 13.17 -12.97
C LYS C 407 12.44 13.83 -13.79
N PHE C 408 11.24 13.95 -13.20
CA PHE C 408 10.12 14.56 -13.89
C PHE C 408 9.82 16.02 -13.54
N ALA C 409 10.70 16.66 -12.77
CA ALA C 409 10.47 18.04 -12.33
C ALA C 409 10.09 19.09 -13.37
N ASN C 410 10.60 18.95 -14.59
CA ASN C 410 10.29 19.92 -15.62
C ASN C 410 9.23 19.52 -16.62
N HIS C 411 8.66 18.33 -16.47
CA HIS C 411 7.61 17.91 -17.39
C HIS C 411 6.36 18.75 -17.20
N LYS C 412 5.62 18.96 -18.27
CA LYS C 412 4.41 19.77 -18.21
C LYS C 412 3.40 18.96 -17.42
N ALA C 413 3.44 17.66 -17.60
CA ALA C 413 2.53 16.81 -16.89
C ALA C 413 2.95 15.35 -16.95
N ILE C 414 2.52 14.60 -15.94
CA ILE C 414 2.78 13.17 -15.85
C ILE C 414 1.48 12.50 -15.43
N TRP C 415 1.36 11.22 -15.76
CA TRP C 415 0.18 10.44 -15.45
C TRP C 415 0.55 9.16 -14.72
N PHE C 416 -0.45 8.56 -14.06
CA PHE C 416 -0.28 7.32 -13.31
C PHE C 416 -1.29 6.28 -13.76
N PRO C 417 -0.82 5.12 -14.24
CA PRO C 417 -1.81 4.11 -14.64
C PRO C 417 -2.38 3.51 -13.34
N TYR C 418 -3.56 2.90 -13.39
CA TYR C 418 -4.15 2.31 -12.19
C TYR C 418 -4.56 0.85 -12.26
N ASN C 419 -4.59 0.21 -11.10
CA ASN C 419 -4.93 -1.21 -10.92
C ASN C 419 -5.93 -1.36 -9.80
N MET C 420 -6.35 -2.59 -9.59
CA MET C 420 -7.25 -2.90 -8.51
C MET C 420 -6.77 -4.17 -7.84
N ASP C 421 -6.92 -4.24 -6.51
CA ASP C 421 -6.57 -5.45 -5.79
C ASP C 421 -7.78 -6.38 -5.94
N TRP C 422 -7.68 -7.59 -5.42
CA TRP C 422 -8.74 -8.57 -5.57
C TRP C 422 -10.11 -8.13 -5.04
N ARG C 423 -10.14 -7.23 -4.07
CA ARG C 423 -11.41 -6.76 -3.56
C ARG C 423 -11.95 -5.56 -4.32
N GLY C 424 -11.20 -5.08 -5.32
CA GLY C 424 -11.64 -3.93 -6.11
C GLY C 424 -11.05 -2.57 -5.72
N ARG C 425 -10.24 -2.49 -4.66
CA ARG C 425 -9.65 -1.21 -4.29
C ARG C 425 -8.68 -0.71 -5.38
N VAL C 426 -8.71 0.59 -5.62
CA VAL C 426 -7.94 1.23 -6.66
C VAL C 426 -6.56 1.71 -6.24
N TYR C 427 -5.52 1.22 -6.92
CA TYR C 427 -4.14 1.59 -6.60
C TYR C 427 -3.38 2.14 -7.78
N ALA C 428 -2.51 3.11 -7.52
CA ALA C 428 -1.65 3.69 -8.56
C ALA C 428 -0.53 2.66 -8.69
N VAL C 429 -0.03 2.46 -9.89
CA VAL C 429 1.00 1.45 -10.13
C VAL C 429 2.47 1.79 -9.86
N SER C 430 2.89 2.98 -10.25
CA SER C 430 4.27 3.38 -10.04
C SER C 430 4.60 3.52 -8.56
N MET C 431 5.86 3.24 -8.20
CA MET C 431 6.29 3.32 -6.79
C MET C 431 6.09 4.73 -6.22
N PHE C 432 6.42 5.72 -7.04
CA PHE C 432 6.27 7.12 -6.66
C PHE C 432 4.86 7.48 -7.15
N ASN C 433 3.92 7.72 -6.23
CA ASN C 433 2.55 8.04 -6.66
C ASN C 433 1.76 8.88 -5.66
N PRO C 434 0.56 9.37 -6.06
CA PRO C 434 -0.26 10.20 -5.17
C PRO C 434 -0.81 9.52 -3.92
N GLN C 435 -0.65 8.21 -3.82
CA GLN C 435 -1.15 7.48 -2.67
C GLN C 435 -0.09 7.27 -1.62
N GLY C 436 1.08 7.87 -1.85
CA GLY C 436 2.21 7.73 -0.94
C GLY C 436 2.17 8.47 0.38
N ASN C 437 3.35 8.65 0.97
CA ASN C 437 3.48 9.31 2.26
C ASN C 437 3.46 10.84 2.19
N ASP C 438 3.59 11.49 3.34
CA ASP C 438 3.54 12.94 3.37
C ASP C 438 4.47 13.60 2.35
N MET C 439 5.76 13.27 2.37
CA MET C 439 6.67 13.88 1.39
C MET C 439 6.20 13.69 -0.05
N THR C 440 6.02 12.44 -0.44
CA THR C 440 5.60 12.09 -1.78
C THR C 440 4.39 12.88 -2.22
N LYS C 441 3.38 12.96 -1.38
CA LYS C 441 2.21 13.73 -1.75
C LYS C 441 2.58 15.22 -1.85
N GLY C 442 3.51 15.69 -1.01
CA GLY C 442 3.92 17.08 -1.08
C GLY C 442 4.59 17.40 -2.40
N LEU C 443 5.32 16.41 -2.95
CA LEU C 443 6.03 16.56 -4.21
C LEU C 443 5.11 16.57 -5.43
N LEU C 444 3.87 16.15 -5.21
CA LEU C 444 2.90 16.09 -6.29
C LEU C 444 1.78 17.11 -6.14
N THR C 445 1.35 17.64 -7.29
CA THR C 445 0.25 18.59 -7.37
C THR C 445 -0.52 18.31 -8.66
N LEU C 446 -1.73 18.81 -8.77
CA LEU C 446 -2.50 18.53 -9.97
C LEU C 446 -2.07 19.46 -11.11
N ALA C 447 -2.07 18.97 -12.34
CA ALA C 447 -1.67 19.83 -13.45
C ALA C 447 -2.73 20.90 -13.80
N LYS C 448 -3.78 20.56 -14.53
CA LYS C 448 -4.78 21.57 -14.87
C LYS C 448 -5.56 22.12 -13.68
N GLY C 449 -5.32 23.38 -13.36
CA GLY C 449 -6.03 24.03 -12.27
C GLY C 449 -7.03 25.05 -12.78
N LYS C 450 -7.59 25.85 -11.88
CA LYS C 450 -8.54 26.89 -12.26
C LYS C 450 -8.46 28.02 -11.27
N PRO C 451 -8.95 29.21 -11.64
CA PRO C 451 -8.92 30.36 -10.72
C PRO C 451 -9.64 29.89 -9.44
N ILE C 452 -8.99 30.06 -8.29
CA ILE C 452 -9.54 29.59 -7.02
C ILE C 452 -10.89 30.11 -6.57
N GLY C 453 -11.05 31.42 -6.51
CA GLY C 453 -12.32 32.00 -6.09
C GLY C 453 -12.51 31.94 -4.57
N LYS C 454 -13.62 32.50 -4.09
CA LYS C 454 -13.93 32.52 -2.66
C LYS C 454 -14.12 31.14 -2.04
N GLU C 455 -15.01 30.35 -2.63
CA GLU C 455 -15.31 29.00 -2.18
C GLU C 455 -14.06 28.10 -2.14
N GLY C 456 -13.33 28.10 -3.24
CA GLY C 456 -12.10 27.30 -3.34
C GLY C 456 -11.05 27.74 -2.35
N TYR C 457 -11.02 29.02 -2.03
CA TYR C 457 -10.06 29.57 -1.08
C TYR C 457 -10.43 29.19 0.34
N TYR C 458 -11.71 28.99 0.58
CA TYR C 458 -12.15 28.61 1.90
C TYR C 458 -11.68 27.16 2.17
N TRP C 459 -11.89 26.28 1.22
CA TRP C 459 -11.45 24.91 1.41
C TRP C 459 -9.91 24.77 1.35
N LEU C 460 -9.23 25.68 0.69
CA LEU C 460 -7.78 25.56 0.67
C LEU C 460 -7.33 25.74 2.11
N LYS C 461 -8.02 26.61 2.86
CA LYS C 461 -7.63 26.85 4.25
C LYS C 461 -7.98 25.68 5.14
N ILE C 462 -9.14 25.07 4.90
CA ILE C 462 -9.51 23.89 5.67
C ILE C 462 -8.47 22.79 5.42
N HIS C 463 -7.98 22.68 4.19
CA HIS C 463 -6.97 21.67 3.86
C HIS C 463 -5.66 22.00 4.58
N GLY C 464 -5.37 23.29 4.70
CA GLY C 464 -4.19 23.73 5.39
C GLY C 464 -4.34 23.33 6.85
N ALA C 465 -5.54 23.52 7.40
CA ALA C 465 -5.78 23.17 8.81
C ALA C 465 -5.59 21.68 9.01
N ASN C 466 -6.21 20.90 8.13
CA ASN C 466 -6.14 19.44 8.19
C ASN C 466 -4.69 19.00 8.11
N CYS C 467 -3.87 19.69 7.30
CA CYS C 467 -2.47 19.30 7.16
C CYS C 467 -1.77 19.51 8.47
N ALA C 468 -2.22 20.48 9.27
CA ALA C 468 -1.65 20.67 10.59
C ALA C 468 -2.48 19.64 11.39
N GLY C 469 -2.55 19.75 12.70
CA GLY C 469 -3.35 18.74 13.38
C GLY C 469 -4.80 19.08 13.58
N VAL C 470 -5.20 20.27 13.13
CA VAL C 470 -6.55 20.78 13.32
C VAL C 470 -7.66 20.20 12.46
N ASP C 471 -8.07 18.96 12.78
CA ASP C 471 -9.12 18.28 12.01
C ASP C 471 -10.26 17.69 12.81
N LYS C 472 -10.14 17.65 14.13
CA LYS C 472 -11.20 17.08 14.94
C LYS C 472 -11.97 18.23 15.59
N VAL C 473 -12.01 19.34 14.87
CA VAL C 473 -12.68 20.55 15.31
C VAL C 473 -13.53 21.10 14.15
N PRO C 474 -14.62 21.83 14.52
CA PRO C 474 -15.51 22.38 13.47
C PRO C 474 -14.78 23.32 12.51
N PHE C 475 -15.25 23.38 11.25
CA PHE C 475 -14.65 24.19 10.19
C PHE C 475 -14.31 25.63 10.58
N PRO C 476 -15.25 26.38 11.18
CA PRO C 476 -14.92 27.76 11.55
C PRO C 476 -13.64 27.86 12.38
N GLU C 477 -13.43 26.89 13.26
CA GLU C 477 -12.22 26.88 14.08
C GLU C 477 -11.01 26.60 13.20
N ARG C 478 -11.16 25.70 12.22
CA ARG C 478 -10.04 25.38 11.35
C ARG C 478 -9.67 26.63 10.59
N ILE C 479 -10.69 27.34 10.13
CA ILE C 479 -10.51 28.57 9.37
C ILE C 479 -9.87 29.62 10.28
N LYS C 480 -10.24 29.58 11.56
CA LYS C 480 -9.73 30.51 12.54
C LYS C 480 -8.25 30.22 12.70
N PHE C 481 -7.94 28.92 12.76
CA PHE C 481 -6.57 28.44 12.92
C PHE C 481 -5.62 29.00 11.87
N ILE C 482 -6.00 28.92 10.60
CA ILE C 482 -5.11 29.44 9.55
C ILE C 482 -4.93 30.94 9.66
N GLU C 483 -6.02 31.67 9.80
CA GLU C 483 -5.96 33.11 9.87
C GLU C 483 -5.10 33.63 11.01
N GLU C 484 -5.23 33.03 12.20
CA GLU C 484 -4.43 33.44 13.34
C GLU C 484 -2.94 33.26 13.07
N ASN C 485 -2.60 32.44 12.08
CA ASN C 485 -1.19 32.19 11.77
C ASN C 485 -0.81 32.78 10.43
N HIS C 486 -1.59 33.72 9.94
CA HIS C 486 -1.32 34.32 8.64
C HIS C 486 0.15 34.67 8.41
N GLU C 487 0.77 35.30 9.39
CA GLU C 487 2.17 35.71 9.26
C GLU C 487 3.14 34.54 9.34
N ASN C 488 2.74 33.47 10.03
CA ASN C 488 3.60 32.30 10.15
C ASN C 488 3.59 31.62 8.76
N ILE C 489 2.38 31.41 8.25
CA ILE C 489 2.22 30.79 6.95
C ILE C 489 3.03 31.54 5.90
N MET C 490 2.89 32.86 5.87
CA MET C 490 3.62 33.67 4.89
C MET C 490 5.13 33.57 5.06
N ALA C 491 5.60 33.62 6.30
CA ALA C 491 7.04 33.53 6.54
C ALA C 491 7.63 32.19 6.03
N CYS C 492 6.86 31.12 6.19
CA CYS C 492 7.28 29.81 5.72
C CYS C 492 7.34 29.75 4.20
N ALA C 493 6.35 30.36 3.54
CA ALA C 493 6.33 30.36 2.09
C ALA C 493 7.49 31.15 1.54
N LYS C 494 7.84 32.23 2.23
CA LYS C 494 8.92 33.12 1.85
C LYS C 494 10.34 32.55 2.07
N SER C 495 10.58 31.95 3.22
CA SER C 495 11.91 31.39 3.55
C SER C 495 11.77 30.07 4.33
N PRO C 496 11.28 29.01 3.66
CA PRO C 496 11.07 27.68 4.25
C PRO C 496 12.27 27.11 4.99
N LEU C 497 13.47 27.40 4.50
CA LEU C 497 14.69 26.93 5.14
C LEU C 497 15.00 27.69 6.41
N GLU C 498 14.57 28.94 6.50
CA GLU C 498 14.83 29.77 7.67
C GLU C 498 13.71 29.60 8.70
N ASN C 499 12.48 29.68 8.24
CA ASN C 499 11.34 29.55 9.13
C ASN C 499 10.74 28.17 8.94
N THR C 500 11.05 27.28 9.87
CA THR C 500 10.62 25.92 9.78
C THR C 500 9.42 25.54 10.64
N TRP C 501 8.50 26.49 10.79
CA TRP C 501 7.31 26.23 11.58
C TRP C 501 6.51 25.14 10.86
N TRP C 502 6.66 25.10 9.54
CA TRP C 502 5.97 24.14 8.73
C TRP C 502 6.41 22.70 9.00
N ALA C 503 7.72 22.52 9.11
CA ALA C 503 8.30 21.22 9.36
C ALA C 503 7.82 20.60 10.66
N GLU C 504 7.14 21.36 11.49
CA GLU C 504 6.66 20.83 12.76
C GLU C 504 5.22 20.39 12.71
N GLN C 505 4.56 20.64 11.59
CA GLN C 505 3.16 20.29 11.49
C GLN C 505 2.87 18.81 11.26
N ASP C 506 1.63 18.41 11.50
CA ASP C 506 1.20 17.03 11.34
C ASP C 506 1.68 16.39 10.03
N SER C 507 1.37 17.02 8.91
CA SER C 507 1.81 16.52 7.60
C SER C 507 2.64 17.66 7.10
N PRO C 508 3.92 17.68 7.48
CA PRO C 508 4.87 18.73 7.10
C PRO C 508 4.93 19.14 5.65
N PHE C 509 5.40 18.26 4.77
CA PHE C 509 5.51 18.60 3.36
C PHE C 509 4.18 19.00 2.73
N CYS C 510 3.08 18.36 3.11
CA CYS C 510 1.81 18.77 2.55
C CYS C 510 1.40 20.14 3.11
N PHE C 511 1.83 20.42 4.32
CA PHE C 511 1.53 21.69 4.94
C PHE C 511 2.35 22.76 4.23
N LEU C 512 3.58 22.42 3.86
CA LEU C 512 4.45 23.36 3.18
C LEU C 512 3.82 23.68 1.83
N ALA C 513 3.36 22.65 1.14
CA ALA C 513 2.78 22.89 -0.17
C ALA C 513 1.62 23.87 -0.05
N PHE C 514 0.79 23.68 0.98
CA PHE C 514 -0.34 24.55 1.23
C PHE C 514 0.14 25.99 1.45
N CYS C 515 1.24 26.15 2.18
CA CYS C 515 1.79 27.47 2.46
C CYS C 515 2.21 28.24 1.20
N PHE C 516 2.74 27.54 0.20
CA PHE C 516 3.14 28.21 -1.04
C PHE C 516 1.88 28.65 -1.80
N GLU C 517 0.90 27.76 -1.86
CA GLU C 517 -0.36 28.04 -2.52
C GLU C 517 -1.08 29.24 -1.84
N TYR C 518 -1.15 29.20 -0.52
CA TYR C 518 -1.79 30.25 0.24
C TYR C 518 -1.13 31.62 0.00
N ALA C 519 0.19 31.61 -0.11
CA ALA C 519 0.93 32.84 -0.33
C ALA C 519 0.63 33.35 -1.73
N GLY C 520 0.38 32.41 -2.64
CA GLY C 520 0.07 32.80 -4.00
C GLY C 520 -1.23 33.59 -4.02
N VAL C 521 -2.22 33.10 -3.28
CA VAL C 521 -3.51 33.77 -3.23
C VAL C 521 -3.30 35.19 -2.74
N GLN C 522 -2.52 35.35 -1.67
CA GLN C 522 -2.27 36.68 -1.10
C GLN C 522 -1.67 37.65 -2.11
N HIS C 523 -0.90 37.15 -3.06
CA HIS C 523 -0.26 38.00 -4.06
C HIS C 523 -1.06 38.26 -5.32
N HIS C 524 -1.88 37.30 -5.72
CA HIS C 524 -2.66 37.44 -6.94
C HIS C 524 -4.18 37.57 -6.77
N GLY C 525 -4.69 37.41 -5.55
CA GLY C 525 -6.13 37.52 -5.34
C GLY C 525 -6.90 36.27 -5.72
N LEU C 526 -8.21 36.28 -5.51
CA LEU C 526 -9.05 35.12 -5.82
C LEU C 526 -9.02 34.62 -7.24
N SER C 527 -8.35 35.35 -8.12
CA SER C 527 -8.24 34.94 -9.53
C SER C 527 -7.09 33.94 -9.69
N TYR C 528 -6.32 33.75 -8.62
CA TYR C 528 -5.16 32.84 -8.59
C TYR C 528 -5.51 31.47 -9.13
N ASN C 529 -4.70 30.98 -10.07
CA ASN C 529 -4.93 29.68 -10.64
C ASN C 529 -4.32 28.61 -9.72
N CYS C 530 -5.18 27.87 -9.00
CA CYS C 530 -4.71 26.86 -8.06
C CYS C 530 -5.00 25.40 -8.48
N SER C 531 -4.07 24.49 -8.20
CA SER C 531 -4.27 23.07 -8.57
C SER C 531 -3.81 22.12 -7.49
N LEU C 532 -3.57 22.65 -6.30
CA LEU C 532 -3.16 21.83 -5.17
C LEU C 532 -4.32 20.90 -4.89
N PRO C 533 -4.06 19.60 -4.79
CA PRO C 533 -5.19 18.72 -4.51
C PRO C 533 -5.61 18.79 -3.03
N LEU C 534 -6.85 19.22 -2.77
CA LEU C 534 -7.37 19.33 -1.40
C LEU C 534 -8.08 18.00 -1.09
N ALA C 535 -7.91 17.45 0.11
CA ALA C 535 -8.51 16.15 0.42
C ALA C 535 -9.57 16.02 1.53
N PHE C 536 -10.55 15.16 1.27
CA PHE C 536 -11.64 14.88 2.17
C PHE C 536 -11.47 13.41 2.56
N ASP C 537 -11.56 13.13 3.85
CA ASP C 537 -11.39 11.78 4.37
C ASP C 537 -12.64 11.26 5.07
N GLY C 538 -12.89 9.96 4.96
CA GLY C 538 -14.04 9.40 5.65
C GLY C 538 -13.58 9.28 7.09
N SER C 539 -14.49 9.44 8.05
CA SER C 539 -14.14 9.32 9.47
C SER C 539 -13.44 7.98 9.64
N CYS C 540 -14.16 7.02 10.18
CA CYS C 540 -13.62 5.67 10.34
C CYS C 540 -14.22 5.08 9.06
N SER C 541 -13.53 4.24 8.34
CA SER C 541 -14.18 3.76 7.12
C SER C 541 -14.52 2.27 7.29
N GLY C 542 -15.76 1.91 7.06
CA GLY C 542 -16.08 0.52 7.26
C GLY C 542 -17.21 0.52 8.26
N ILE C 543 -17.01 1.20 9.39
CA ILE C 543 -18.09 1.31 10.36
C ILE C 543 -19.10 2.27 9.75
N GLN C 544 -18.65 3.14 8.85
CA GLN C 544 -19.57 4.06 8.16
C GLN C 544 -20.39 3.20 7.21
N HIS C 545 -19.70 2.33 6.48
CA HIS C 545 -20.35 1.44 5.54
C HIS C 545 -21.26 0.44 6.27
N PHE C 546 -20.82 -0.11 7.39
CA PHE C 546 -21.71 -1.02 8.09
C PHE C 546 -22.91 -0.24 8.63
N SER C 547 -22.67 0.93 9.21
CA SER C 547 -23.75 1.72 9.78
C SER C 547 -24.74 2.15 8.71
N ALA C 548 -24.22 2.48 7.53
CA ALA C 548 -25.06 2.93 6.44
C ALA C 548 -25.89 1.80 5.84
N MET C 549 -25.28 0.63 5.64
CA MET C 549 -26.00 -0.50 5.04
C MET C 549 -27.01 -1.10 6.01
N LEU C 550 -26.79 -0.87 7.30
CA LEU C 550 -27.69 -1.38 8.32
C LEU C 550 -28.60 -0.26 8.86
N ARG C 551 -28.32 0.97 8.44
CA ARG C 551 -29.08 2.13 8.88
C ARG C 551 -29.09 2.25 10.41
N ASP C 552 -27.91 2.12 10.99
CA ASP C 552 -27.75 2.22 12.41
C ASP C 552 -27.39 3.68 12.77
N GLU C 553 -28.38 4.41 13.25
CA GLU C 553 -28.21 5.81 13.62
C GLU C 553 -27.24 6.03 14.76
N VAL C 554 -27.20 5.11 15.70
CA VAL C 554 -26.30 5.28 16.84
C VAL C 554 -24.87 4.96 16.39
N GLY C 555 -24.73 3.94 15.54
CA GLY C 555 -23.41 3.62 15.03
C GLY C 555 -22.96 4.71 14.06
N GLY C 556 -23.87 5.09 13.17
CA GLY C 556 -23.56 6.11 12.20
C GLY C 556 -23.12 7.41 12.83
N ARG C 557 -23.72 7.75 13.96
CA ARG C 557 -23.40 8.99 14.65
C ARG C 557 -22.00 8.99 15.23
N ALA C 558 -21.50 7.83 15.64
CA ALA C 558 -20.13 7.72 16.20
C ALA C 558 -19.13 7.99 15.06
N VAL C 559 -19.42 7.47 13.87
CA VAL C 559 -18.57 7.80 12.76
C VAL C 559 -19.26 9.11 12.41
N ASN C 560 -19.18 9.69 11.24
CA ASN C 560 -19.89 10.99 11.18
C ASN C 560 -21.04 11.15 10.21
N LEU C 561 -21.89 10.14 10.14
CA LEU C 561 -23.03 10.12 9.24
C LEU C 561 -24.18 11.10 9.51
N LEU C 562 -24.20 11.73 10.68
CA LEU C 562 -25.27 12.65 11.02
C LEU C 562 -24.75 14.04 11.29
N PRO C 563 -25.49 15.08 10.84
CA PRO C 563 -25.03 16.44 11.07
C PRO C 563 -24.99 16.78 12.56
N SER C 564 -23.78 16.86 13.11
CA SER C 564 -23.58 17.17 14.52
C SER C 564 -22.96 18.56 14.65
N GLU C 565 -22.86 19.07 15.87
CA GLU C 565 -22.26 20.39 16.07
C GLU C 565 -20.75 20.26 16.15
N THR C 566 -20.30 19.12 16.67
CA THR C 566 -18.87 18.84 16.81
C THR C 566 -18.51 17.55 16.08
N VAL C 567 -17.21 17.27 15.98
CA VAL C 567 -16.74 16.07 15.32
C VAL C 567 -16.76 14.90 16.31
N GLN C 568 -17.38 13.79 15.92
CA GLN C 568 -17.43 12.62 16.80
C GLN C 568 -16.18 11.78 16.56
N ASP C 569 -15.58 11.27 17.63
CA ASP C 569 -14.38 10.45 17.55
C ASP C 569 -14.65 9.10 18.19
N ILE C 570 -15.03 8.12 17.39
CA ILE C 570 -15.33 6.77 17.86
C ILE C 570 -14.19 6.19 18.69
N TYR C 571 -12.97 6.64 18.44
CA TYR C 571 -11.82 6.15 19.21
C TYR C 571 -11.86 6.73 20.61
N GLY C 572 -12.31 7.97 20.69
CA GLY C 572 -12.41 8.63 21.97
C GLY C 572 -13.60 8.10 22.76
N ILE C 573 -14.72 7.78 22.10
CA ILE C 573 -15.82 7.29 22.88
C ILE C 573 -15.63 5.84 23.34
N VAL C 574 -14.87 5.05 22.59
CA VAL C 574 -14.63 3.68 23.05
C VAL C 574 -13.73 3.81 24.28
N ALA C 575 -12.80 4.78 24.22
CA ALA C 575 -11.86 5.06 25.32
C ALA C 575 -12.54 5.48 26.63
N LYS C 576 -13.50 6.40 26.55
CA LYS C 576 -14.20 6.86 27.74
C LYS C 576 -14.98 5.68 28.30
N LYS C 577 -15.50 4.81 27.43
CA LYS C 577 -16.24 3.64 27.88
C LYS C 577 -15.33 2.63 28.58
N VAL C 578 -14.10 2.47 28.09
CA VAL C 578 -13.13 1.58 28.72
C VAL C 578 -12.76 2.10 30.11
N ASN C 579 -12.58 3.41 30.20
CA ASN C 579 -12.23 4.05 31.47
C ASN C 579 -13.30 3.95 32.53
N GLU C 580 -14.57 4.04 32.15
CA GLU C 580 -15.59 3.93 33.17
C GLU C 580 -15.72 2.52 33.68
N ILE C 581 -15.16 1.56 32.94
CA ILE C 581 -15.20 0.18 33.38
C ILE C 581 -14.02 -0.02 34.31
N LEU C 582 -12.94 0.71 34.02
CA LEU C 582 -11.77 0.62 34.87
C LEU C 582 -12.10 1.29 36.21
N GLN C 583 -12.78 2.43 36.18
CA GLN C 583 -13.13 3.08 37.43
C GLN C 583 -14.09 2.12 38.20
N ALA C 584 -14.85 1.35 37.44
CA ALA C 584 -15.80 0.42 38.02
C ALA C 584 -15.11 -0.73 38.73
N ASP C 585 -14.06 -1.27 38.10
CA ASP C 585 -13.29 -2.37 38.67
C ASP C 585 -12.31 -1.92 39.74
N ALA C 586 -11.88 -0.66 39.66
CA ALA C 586 -10.95 -0.11 40.63
C ALA C 586 -11.62 -0.02 41.99
N ILE C 587 -12.94 0.19 42.00
CA ILE C 587 -13.66 0.26 43.27
C ILE C 587 -13.97 -1.16 43.73
N ASN C 588 -14.67 -1.93 42.90
CA ASN C 588 -15.01 -3.30 43.25
C ASN C 588 -14.19 -4.27 42.41
N GLY C 589 -14.83 -5.30 41.90
CA GLY C 589 -14.07 -6.25 41.09
C GLY C 589 -13.19 -7.20 41.87
N THR C 590 -12.89 -8.32 41.23
CA THR C 590 -12.06 -9.42 41.76
C THR C 590 -10.78 -9.04 42.48
N ASP C 591 -10.37 -9.90 43.41
CA ASP C 591 -9.15 -9.68 44.18
C ASP C 591 -8.07 -10.65 43.72
N ASN C 592 -6.82 -10.31 43.98
CA ASN C 592 -5.70 -11.13 43.55
C ASN C 592 -5.71 -12.50 44.20
N GLU C 593 -6.27 -13.47 43.49
CA GLU C 593 -6.33 -14.85 43.97
C GLU C 593 -4.89 -15.24 44.25
N VAL C 594 -4.64 -15.83 45.41
CA VAL C 594 -3.30 -16.27 45.78
C VAL C 594 -2.69 -17.10 44.65
N VAL C 595 -1.53 -17.68 44.92
CA VAL C 595 -0.88 -18.51 43.92
C VAL C 595 -1.89 -19.46 43.29
N THR C 596 -1.57 -19.97 42.10
CA THR C 596 -2.45 -20.89 41.39
C THR C 596 -2.96 -21.93 42.39
N VAL C 597 -2.05 -22.77 42.86
CA VAL C 597 -2.35 -23.85 43.82
C VAL C 597 -3.63 -23.59 44.62
N THR C 598 -4.75 -24.06 44.07
CA THR C 598 -6.06 -23.92 44.70
C THR C 598 -7.09 -24.74 43.91
N ASP C 599 -6.59 -25.72 43.17
CA ASP C 599 -7.43 -26.59 42.36
C ASP C 599 -6.74 -27.94 42.20
N GLU C 600 -5.94 -28.31 43.20
CA GLU C 600 -5.21 -29.56 43.18
C GLU C 600 -4.53 -29.81 44.52
N ASN C 601 -3.20 -29.83 44.54
CA ASN C 601 -2.44 -30.05 45.77
C ASN C 601 -0.93 -30.11 45.59
N THR C 602 -0.22 -29.26 46.33
CA THR C 602 1.26 -29.20 46.33
C THR C 602 2.00 -28.52 45.17
N GLY C 603 3.33 -28.69 45.20
CA GLY C 603 4.28 -28.17 44.21
C GLY C 603 3.98 -26.86 43.48
N GLU C 604 3.35 -26.98 42.30
CA GLU C 604 3.01 -25.84 41.45
C GLU C 604 2.42 -24.59 42.12
N ILE C 605 3.24 -23.89 42.89
CA ILE C 605 2.82 -22.67 43.57
C ILE C 605 2.89 -21.58 42.51
N SER C 606 3.38 -21.99 41.34
CA SER C 606 3.53 -21.11 40.18
C SER C 606 2.22 -20.38 39.93
N GLU C 607 2.19 -19.56 38.88
CA GLU C 607 1.01 -18.78 38.56
C GLU C 607 0.58 -18.16 39.88
N LYS C 608 1.59 -17.90 40.72
CA LYS C 608 1.38 -17.30 42.02
C LYS C 608 0.82 -15.91 41.81
N VAL C 609 -0.36 -15.85 41.21
CA VAL C 609 -1.02 -14.59 40.91
C VAL C 609 -2.11 -14.81 39.88
N LYS C 610 -3.28 -14.25 40.12
CA LYS C 610 -4.38 -14.34 39.17
C LYS C 610 -4.74 -12.90 38.89
N LEU C 611 -4.19 -12.00 39.69
CA LEU C 611 -4.48 -10.58 39.59
C LEU C 611 -5.94 -10.40 39.30
N GLY C 612 -6.68 -10.00 40.33
CA GLY C 612 -8.09 -9.78 40.12
C GLY C 612 -8.22 -8.58 39.21
N THR C 613 -9.45 -8.30 38.79
CA THR C 613 -9.73 -7.17 37.93
C THR C 613 -9.46 -5.84 38.64
N LYS C 614 -9.53 -5.86 39.98
CA LYS C 614 -9.29 -4.66 40.76
C LYS C 614 -7.85 -4.19 40.65
N ALA C 615 -6.91 -5.15 40.60
CA ALA C 615 -5.50 -4.83 40.47
C ALA C 615 -5.21 -4.53 39.01
N LEU C 616 -5.87 -5.26 38.10
CA LEU C 616 -5.69 -5.06 36.67
C LEU C 616 -6.17 -3.67 36.26
N ALA C 617 -7.32 -3.28 36.81
CA ALA C 617 -7.90 -1.97 36.55
C ALA C 617 -6.97 -0.89 37.05
N GLY C 618 -6.44 -1.08 38.26
CA GLY C 618 -5.54 -0.10 38.83
C GLY C 618 -4.26 0.07 38.00
N GLN C 619 -3.71 -1.02 37.50
CA GLN C 619 -2.49 -0.92 36.70
C GLN C 619 -2.76 -0.06 35.46
N TRP C 620 -3.85 -0.35 34.76
CA TRP C 620 -4.19 0.39 33.57
C TRP C 620 -4.47 1.85 33.84
N LEU C 621 -5.09 2.15 34.98
CA LEU C 621 -5.38 3.53 35.37
C LEU C 621 -4.06 4.25 35.68
N ALA C 622 -3.08 3.50 36.14
CA ALA C 622 -1.79 4.08 36.45
C ALA C 622 -1.14 4.42 35.11
N TYR C 623 -1.34 3.57 34.12
CA TYR C 623 -0.75 3.79 32.81
C TYR C 623 -1.45 4.93 32.10
N GLY C 624 -2.77 4.83 31.95
CA GLY C 624 -3.51 5.89 31.28
C GLY C 624 -4.77 5.48 30.54
N VAL C 625 -4.57 4.86 29.38
CA VAL C 625 -5.69 4.42 28.54
C VAL C 625 -6.38 5.64 27.94
N THR C 626 -5.77 6.13 26.87
CA THR C 626 -6.28 7.29 26.15
C THR C 626 -6.73 6.86 24.78
N ARG C 627 -7.25 7.83 24.04
CA ARG C 627 -7.71 7.61 22.67
C ARG C 627 -6.64 6.83 21.88
N SER C 628 -5.39 7.27 22.00
CA SER C 628 -4.27 6.63 21.30
C SER C 628 -4.16 5.14 21.58
N VAL C 629 -4.19 4.78 22.86
CA VAL C 629 -4.11 3.40 23.29
C VAL C 629 -5.26 2.54 22.77
N THR C 630 -6.44 3.12 22.60
CA THR C 630 -7.58 2.35 22.15
C THR C 630 -7.69 2.32 20.64
N LYS C 631 -7.21 3.39 20.02
CA LYS C 631 -7.28 3.50 18.56
C LYS C 631 -6.51 2.44 17.79
N ARG C 632 -5.19 2.48 17.90
CA ARG C 632 -4.36 1.52 17.20
C ARG C 632 -4.81 0.12 17.60
N SER C 633 -5.12 -0.04 18.89
CA SER C 633 -5.56 -1.33 19.42
C SER C 633 -6.85 -1.77 18.73
N VAL C 634 -7.76 -0.84 18.53
CA VAL C 634 -9.01 -1.16 17.86
C VAL C 634 -8.73 -1.53 16.41
N MET C 635 -7.74 -0.87 15.82
CA MET C 635 -7.39 -1.09 14.41
C MET C 635 -6.64 -2.37 14.04
N THR C 636 -5.87 -2.91 14.96
CA THR C 636 -5.11 -4.12 14.67
C THR C 636 -5.86 -5.41 14.96
N LEU C 637 -7.10 -5.29 15.45
CA LEU C 637 -7.89 -6.48 15.76
C LEU C 637 -9.07 -6.65 14.81
N ALA C 638 -9.32 -7.88 14.37
CA ALA C 638 -10.42 -8.19 13.46
C ALA C 638 -10.24 -7.45 12.14
N TYR C 639 -10.96 -6.33 11.99
CA TYR C 639 -10.89 -5.51 10.78
C TYR C 639 -9.53 -4.81 10.65
N GLY C 640 -8.72 -5.28 9.70
CA GLY C 640 -7.41 -4.71 9.49
C GLY C 640 -6.36 -5.79 9.28
N SER C 641 -5.60 -6.09 10.33
CA SER C 641 -4.55 -7.11 10.27
C SER C 641 -4.22 -7.68 11.66
N LYS C 642 -4.85 -8.82 11.99
CA LYS C 642 -4.63 -9.50 13.26
C LYS C 642 -4.27 -10.96 13.03
N GLU C 643 -3.34 -11.48 13.82
CA GLU C 643 -2.91 -12.87 13.67
C GLU C 643 -2.97 -13.63 15.00
N PHE C 644 -4.09 -14.30 15.22
CA PHE C 644 -4.31 -15.09 16.44
C PHE C 644 -3.87 -14.38 17.72
N GLY C 645 -4.86 -13.81 18.43
CA GLY C 645 -4.59 -13.11 19.68
C GLY C 645 -4.78 -11.61 19.60
N PHE C 646 -5.97 -11.13 19.95
CA PHE C 646 -6.27 -9.69 19.92
C PHE C 646 -5.65 -9.00 21.12
N ARG C 647 -5.06 -9.80 22.00
CA ARG C 647 -4.41 -9.32 23.21
C ARG C 647 -2.91 -9.54 23.05
N GLN C 648 -2.57 -10.64 22.38
CA GLN C 648 -1.18 -11.01 22.12
C GLN C 648 -0.58 -9.91 21.23
N GLN C 649 -1.38 -8.89 20.98
CA GLN C 649 -0.97 -7.76 20.18
C GLN C 649 -0.92 -6.55 21.11
N VAL C 650 -1.81 -6.55 22.10
CA VAL C 650 -1.88 -5.48 23.08
C VAL C 650 -0.66 -5.56 23.98
N LEU C 651 -0.17 -6.78 24.17
CA LEU C 651 1.00 -7.02 25.00
C LEU C 651 2.27 -6.59 24.27
N GLU C 652 2.21 -6.60 22.94
CA GLU C 652 3.39 -6.25 22.14
C GLU C 652 3.41 -4.83 21.61
N ASP C 653 2.24 -4.19 21.56
CA ASP C 653 2.21 -2.84 21.06
C ASP C 653 2.08 -1.78 22.13
N THR C 654 1.67 -2.18 23.33
CA THR C 654 1.50 -1.22 24.44
C THR C 654 2.32 -1.53 25.68
N ILE C 655 2.03 -2.67 26.29
CA ILE C 655 2.73 -3.05 27.52
C ILE C 655 4.21 -3.26 27.26
N GLN C 656 4.54 -4.17 26.34
CA GLN C 656 5.94 -4.46 26.04
C GLN C 656 6.78 -3.20 25.83
N PRO C 657 6.42 -2.38 24.84
CA PRO C 657 7.19 -1.16 24.59
C PRO C 657 7.25 -0.26 25.82
N ALA C 658 6.22 -0.26 26.66
CA ALA C 658 6.24 0.57 27.86
C ALA C 658 7.32 0.04 28.79
N ILE C 659 7.29 -1.27 29.04
CA ILE C 659 8.27 -1.93 29.88
C ILE C 659 9.67 -1.66 29.34
N ASP C 660 9.86 -1.90 28.05
CA ASP C 660 11.17 -1.70 27.43
C ASP C 660 11.70 -0.28 27.53
N SER C 661 10.81 0.69 27.68
CA SER C 661 11.24 2.09 27.76
C SER C 661 11.36 2.61 29.19
N GLY C 662 11.41 1.71 30.16
CA GLY C 662 11.52 2.12 31.54
C GLY C 662 10.20 2.07 32.27
N LYS C 663 9.15 2.61 31.67
CA LYS C 663 7.83 2.59 32.29
C LYS C 663 7.28 1.14 32.30
N GLY C 664 5.98 1.02 32.52
CA GLY C 664 5.35 -0.29 32.53
C GLY C 664 5.56 -1.05 33.83
N LEU C 665 6.05 -0.38 34.87
CA LEU C 665 6.27 -1.02 36.15
C LEU C 665 4.96 -1.38 36.84
N MET C 666 3.87 -0.80 36.39
CA MET C 666 2.59 -1.14 36.98
C MET C 666 2.10 -2.51 36.48
N PHE C 667 2.72 -3.03 35.42
CA PHE C 667 2.32 -4.33 34.87
C PHE C 667 3.18 -5.43 35.45
N THR C 668 2.83 -5.85 36.65
CA THR C 668 3.53 -6.92 37.35
C THR C 668 3.41 -8.25 36.56
N GLN C 669 2.21 -8.51 36.02
CA GLN C 669 1.94 -9.71 35.21
C GLN C 669 1.52 -9.22 33.83
N PRO C 670 2.49 -8.76 33.04
CA PRO C 670 2.27 -8.24 31.68
C PRO C 670 1.30 -8.98 30.81
N ASN C 671 1.27 -10.31 30.91
CA ASN C 671 0.38 -11.10 30.08
C ASN C 671 -1.09 -10.96 30.51
N GLN C 672 -1.34 -11.06 31.80
CA GLN C 672 -2.71 -10.91 32.31
C GLN C 672 -3.26 -9.50 32.08
N ALA C 673 -2.39 -8.50 32.11
CA ALA C 673 -2.83 -7.14 31.91
C ALA C 673 -3.34 -7.01 30.48
N ALA C 674 -2.58 -7.55 29.55
CA ALA C 674 -2.96 -7.52 28.13
C ALA C 674 -4.25 -8.29 27.89
N GLY C 675 -4.34 -9.47 28.51
CA GLY C 675 -5.55 -10.26 28.36
C GLY C 675 -6.76 -9.50 28.86
N TYR C 676 -6.59 -8.81 29.97
CA TYR C 676 -7.66 -8.06 30.59
C TYR C 676 -8.15 -6.86 29.74
N MET C 677 -7.22 -6.13 29.14
CA MET C 677 -7.60 -4.96 28.32
C MET C 677 -8.26 -5.32 27.00
N ALA C 678 -7.86 -6.43 26.41
CA ALA C 678 -8.45 -6.84 25.15
C ALA C 678 -9.95 -6.99 25.33
N LYS C 679 -10.34 -7.67 26.41
CA LYS C 679 -11.74 -7.89 26.73
C LYS C 679 -12.47 -6.58 26.97
N LEU C 680 -11.81 -5.60 27.57
CA LEU C 680 -12.46 -4.32 27.81
C LEU C 680 -12.68 -3.56 26.52
N ILE C 681 -11.67 -3.52 25.67
CA ILE C 681 -11.79 -2.83 24.39
C ILE C 681 -12.86 -3.48 23.53
N TRP C 682 -12.78 -4.82 23.40
CA TRP C 682 -13.76 -5.54 22.60
C TRP C 682 -15.17 -5.39 23.18
N GLU C 683 -15.25 -5.36 24.50
CA GLU C 683 -16.52 -5.22 25.19
C GLU C 683 -17.02 -3.78 24.99
N SER C 684 -16.09 -2.82 24.89
CA SER C 684 -16.48 -1.42 24.68
C SER C 684 -17.01 -1.20 23.29
N VAL C 685 -16.26 -1.67 22.29
CA VAL C 685 -16.69 -1.51 20.91
C VAL C 685 -18.00 -2.26 20.67
N SER C 686 -18.18 -3.40 21.31
CA SER C 686 -19.39 -4.18 21.10
C SER C 686 -20.69 -3.45 21.43
N VAL C 687 -20.63 -2.49 22.36
CA VAL C 687 -21.82 -1.75 22.75
C VAL C 687 -21.85 -0.35 22.12
N THR C 688 -20.74 0.01 21.48
CA THR C 688 -20.61 1.31 20.81
C THR C 688 -21.12 1.17 19.37
N VAL C 689 -20.75 0.07 18.72
CA VAL C 689 -21.18 -0.19 17.35
C VAL C 689 -21.85 -1.56 17.24
N VAL C 690 -22.86 -1.73 18.09
CA VAL C 690 -23.65 -2.95 18.18
C VAL C 690 -24.06 -3.49 16.80
N ALA C 691 -24.84 -2.69 16.08
CA ALA C 691 -25.32 -3.09 14.77
C ALA C 691 -24.21 -3.58 13.81
N ALA C 692 -23.02 -2.98 13.90
CA ALA C 692 -21.90 -3.37 13.03
C ALA C 692 -21.30 -4.73 13.38
N VAL C 693 -21.10 -4.98 14.67
CA VAL C 693 -20.54 -6.26 15.11
C VAL C 693 -21.44 -7.42 14.70
N GLU C 694 -22.77 -7.24 14.83
CA GLU C 694 -23.68 -8.30 14.47
C GLU C 694 -23.59 -8.62 12.99
N ALA C 695 -23.32 -7.59 12.19
CA ALA C 695 -23.18 -7.75 10.74
C ALA C 695 -21.89 -8.50 10.39
N MET C 696 -20.85 -8.31 11.20
CA MET C 696 -19.60 -8.99 10.98
C MET C 696 -19.79 -10.47 11.28
N ASN C 697 -20.44 -10.76 12.41
CA ASN C 697 -20.69 -12.14 12.77
C ASN C 697 -21.55 -12.85 11.74
N TRP C 698 -22.52 -12.13 11.19
CA TRP C 698 -23.36 -12.71 10.18
C TRP C 698 -22.50 -13.08 8.98
N LEU C 699 -21.64 -12.16 8.56
CA LEU C 699 -20.77 -12.39 7.41
C LEU C 699 -19.83 -13.54 7.71
N LYS C 700 -19.39 -13.62 8.96
CA LYS C 700 -18.49 -14.69 9.38
C LYS C 700 -19.16 -16.04 9.30
N SER C 701 -20.40 -16.11 9.79
CA SER C 701 -21.15 -17.36 9.79
C SER C 701 -21.29 -17.89 8.39
N ALA C 702 -21.65 -17.00 7.47
CA ALA C 702 -21.84 -17.40 6.09
C ALA C 702 -20.55 -17.95 5.49
N ALA C 703 -19.44 -17.35 5.88
CA ALA C 703 -18.14 -17.78 5.38
C ALA C 703 -17.79 -19.19 5.87
N LYS C 704 -18.03 -19.46 7.15
CA LYS C 704 -17.72 -20.76 7.75
C LYS C 704 -18.46 -21.91 7.09
N LEU C 705 -19.70 -21.66 6.68
CA LEU C 705 -20.50 -22.69 6.04
C LEU C 705 -20.11 -22.90 4.58
N LEU C 706 -19.76 -21.82 3.90
CA LEU C 706 -19.35 -21.87 2.51
C LEU C 706 -18.00 -22.61 2.38
N ALA C 707 -17.19 -22.51 3.42
CA ALA C 707 -15.87 -23.12 3.43
C ALA C 707 -15.91 -24.51 4.05
N ALA C 708 -17.05 -24.88 4.62
CA ALA C 708 -17.20 -26.18 5.23
C ALA C 708 -17.28 -27.25 4.16
N GLU C 709 -17.24 -28.51 4.58
CA GLU C 709 -17.33 -29.63 3.63
C GLU C 709 -18.54 -30.51 3.95
N VAL C 710 -19.24 -30.94 2.91
CA VAL C 710 -20.42 -31.80 3.08
C VAL C 710 -20.06 -33.21 3.57
N LYS C 711 -20.26 -33.46 4.86
CA LYS C 711 -19.94 -34.75 5.45
C LYS C 711 -21.19 -35.63 5.68
N ASP C 712 -21.17 -36.38 6.77
CA ASP C 712 -22.26 -37.29 7.17
C ASP C 712 -21.64 -38.48 7.89
N LYS C 713 -22.47 -39.27 8.57
CA LYS C 713 -21.97 -40.44 9.27
C LYS C 713 -21.48 -41.47 8.25
N LYS C 714 -20.34 -42.09 8.54
CA LYS C 714 -19.73 -43.08 7.66
C LYS C 714 -20.48 -43.23 6.35
N THR C 715 -19.91 -42.60 5.33
CA THR C 715 -20.37 -42.52 3.94
C THR C 715 -20.05 -41.04 3.71
N GLY C 716 -18.85 -40.67 4.14
CA GLY C 716 -18.40 -39.30 4.03
C GLY C 716 -18.16 -38.85 2.60
N GLU C 717 -18.99 -39.32 1.67
CA GLU C 717 -18.85 -38.90 0.29
C GLU C 717 -19.08 -37.39 0.31
N ILE C 718 -18.79 -36.72 -0.79
CA ILE C 718 -18.95 -35.28 -0.85
C ILE C 718 -19.98 -34.78 -1.86
N LEU C 719 -20.98 -34.04 -1.36
CA LEU C 719 -22.02 -33.47 -2.19
C LEU C 719 -21.55 -32.10 -2.67
N ARG C 720 -20.96 -31.35 -1.75
CA ARG C 720 -20.43 -30.02 -2.05
C ARG C 720 -19.06 -29.82 -1.42
N LYS C 721 -18.03 -29.80 -2.25
CA LYS C 721 -16.66 -29.58 -1.79
C LYS C 721 -16.61 -28.13 -1.30
N ARG C 722 -15.54 -27.79 -0.58
CA ARG C 722 -15.40 -26.44 -0.04
C ARG C 722 -15.57 -25.38 -1.11
N CYS C 723 -16.24 -24.29 -0.75
CA CYS C 723 -16.50 -23.19 -1.69
C CYS C 723 -15.92 -21.85 -1.25
N ALA C 724 -15.62 -21.00 -2.22
CA ALA C 724 -15.10 -19.67 -1.98
C ALA C 724 -16.29 -18.71 -1.86
N VAL C 725 -16.14 -17.65 -1.08
CA VAL C 725 -17.22 -16.69 -0.93
C VAL C 725 -17.22 -15.69 -2.07
N HIS C 726 -18.32 -15.64 -2.83
CA HIS C 726 -18.45 -14.73 -3.96
C HIS C 726 -19.52 -13.68 -3.69
N TRP C 727 -19.35 -12.48 -4.21
CA TRP C 727 -20.34 -11.41 -4.06
C TRP C 727 -20.07 -10.33 -5.07
N VAL C 728 -21.06 -9.46 -5.29
CA VAL C 728 -20.91 -8.43 -6.30
C VAL C 728 -21.13 -7.04 -5.74
N THR C 729 -20.20 -6.14 -6.01
CA THR C 729 -20.30 -4.77 -5.49
C THR C 729 -21.40 -3.99 -6.23
N PRO C 730 -22.00 -2.98 -5.57
CA PRO C 730 -23.06 -2.14 -6.15
C PRO C 730 -22.77 -1.62 -7.56
N ASP C 731 -21.52 -1.21 -7.82
CA ASP C 731 -21.25 -0.69 -9.14
C ASP C 731 -20.97 -1.78 -10.16
N GLY C 732 -21.08 -3.03 -9.72
CA GLY C 732 -20.87 -4.15 -10.62
C GLY C 732 -19.52 -4.85 -10.59
N PHE C 733 -18.73 -4.66 -9.54
CA PHE C 733 -17.45 -5.35 -9.48
C PHE C 733 -17.58 -6.65 -8.70
N PRO C 734 -17.35 -7.77 -9.38
CA PRO C 734 -17.43 -9.07 -8.73
C PRO C 734 -16.14 -9.37 -7.95
N VAL C 735 -16.27 -10.07 -6.84
CA VAL C 735 -15.09 -10.45 -6.07
C VAL C 735 -15.29 -11.87 -5.60
N TRP C 736 -14.20 -12.61 -5.55
CA TRP C 736 -14.21 -14.02 -5.14
C TRP C 736 -13.17 -14.23 -4.05
N GLN C 737 -13.60 -14.46 -2.81
CA GLN C 737 -12.63 -14.70 -1.73
C GLN C 737 -12.27 -16.19 -1.71
N GLU C 738 -11.02 -16.51 -1.99
CA GLU C 738 -10.59 -17.91 -2.03
C GLU C 738 -9.22 -18.14 -1.40
N TYR C 739 -9.13 -17.98 -0.09
CA TYR C 739 -7.88 -18.23 0.58
C TYR C 739 -7.64 -19.74 0.48
N LYS C 740 -6.41 -20.11 0.16
CA LYS C 740 -6.06 -21.52 0.02
C LYS C 740 -4.79 -21.81 0.78
N LYS C 741 -4.57 -23.09 1.06
CA LYS C 741 -3.37 -23.53 1.76
C LYS C 741 -2.35 -23.85 0.68
N PRO C 742 -1.15 -23.26 0.76
CA PRO C 742 -0.12 -23.53 -0.25
C PRO C 742 0.60 -24.86 -0.02
N ILE C 743 1.03 -25.48 -1.12
CA ILE C 743 1.78 -26.72 -1.09
C ILE C 743 3.24 -26.24 -1.07
N GLN C 744 3.89 -26.42 0.06
CA GLN C 744 5.28 -25.97 0.21
C GLN C 744 6.29 -27.01 -0.24
N THR C 745 7.55 -26.60 -0.21
CA THR C 745 8.67 -27.47 -0.56
C THR C 745 9.91 -26.66 -0.25
N ARG C 746 11.07 -27.29 -0.30
CA ARG C 746 12.31 -26.59 -0.03
C ARG C 746 13.24 -26.83 -1.19
N LEU C 747 14.10 -25.84 -1.47
CA LEU C 747 15.07 -25.96 -2.54
C LEU C 747 16.36 -26.22 -1.80
N ASN C 748 17.40 -26.65 -2.52
CA ASN C 748 18.70 -26.92 -1.90
C ASN C 748 19.75 -26.25 -2.78
N LEU C 749 20.10 -25.01 -2.43
CA LEU C 749 21.04 -24.23 -3.21
C LEU C 749 22.38 -24.01 -2.53
N MET C 750 23.45 -24.43 -3.19
CA MET C 750 24.80 -24.23 -2.68
C MET C 750 24.98 -22.73 -2.92
N PHE C 751 25.16 -21.96 -1.85
CA PHE C 751 25.28 -20.51 -1.92
C PHE C 751 26.70 -19.99 -1.72
N LEU C 752 27.27 -19.40 -2.77
CA LEU C 752 28.61 -18.85 -2.71
C LEU C 752 29.65 -19.89 -2.32
N GLY C 753 29.37 -21.14 -2.68
CA GLY C 753 30.28 -22.22 -2.34
C GLY C 753 30.60 -22.21 -0.86
N GLN C 754 29.72 -21.61 -0.07
CA GLN C 754 29.92 -21.54 1.38
C GLN C 754 29.02 -22.49 2.17
N PHE C 755 27.72 -22.45 1.91
CA PHE C 755 26.78 -23.32 2.60
C PHE C 755 25.62 -23.59 1.68
N ARG C 756 24.71 -24.44 2.13
CA ARG C 756 23.53 -24.78 1.36
C ARG C 756 22.28 -23.99 1.82
N LEU C 757 21.90 -23.00 1.03
CA LEU C 757 20.73 -22.22 1.34
C LEU C 757 19.55 -23.08 0.96
N GLN C 758 18.78 -23.51 1.95
CA GLN C 758 17.63 -24.34 1.68
C GLN C 758 16.36 -23.63 2.07
N PRO C 759 15.88 -22.75 1.21
CA PRO C 759 14.68 -21.97 1.45
C PRO C 759 13.34 -22.69 1.30
N THR C 760 12.46 -22.46 2.27
CA THR C 760 11.13 -23.03 2.26
C THR C 760 10.38 -22.06 1.36
N ILE C 761 9.60 -22.58 0.41
CA ILE C 761 8.86 -21.71 -0.49
C ILE C 761 7.44 -22.20 -0.73
N ASN C 762 6.54 -21.26 -0.98
CA ASN C 762 5.17 -21.61 -1.29
C ASN C 762 5.13 -21.78 -2.80
N THR C 763 4.63 -22.93 -3.24
CA THR C 763 4.50 -23.27 -4.65
C THR C 763 3.26 -22.64 -5.29
N ASN C 764 3.22 -22.61 -6.61
CA ASN C 764 2.10 -22.04 -7.36
C ASN C 764 0.94 -23.03 -7.34
N LYS C 765 1.16 -24.16 -6.68
CA LYS C 765 0.14 -25.19 -6.58
C LYS C 765 -0.60 -25.05 -5.25
N ASP C 766 -1.92 -25.21 -5.29
CA ASP C 766 -2.72 -25.12 -4.08
C ASP C 766 -3.32 -26.47 -3.70
N SER C 767 -3.53 -26.69 -2.41
CA SER C 767 -4.07 -27.96 -1.92
C SER C 767 -5.56 -27.88 -1.61
N GLU C 768 -5.94 -27.05 -0.66
CA GLU C 768 -7.34 -26.93 -0.26
C GLU C 768 -7.65 -25.60 0.42
N ILE C 769 -8.86 -25.11 0.23
CA ILE C 769 -9.31 -23.86 0.83
C ILE C 769 -8.98 -23.80 2.31
N ASP C 770 -8.49 -22.64 2.75
CA ASP C 770 -8.14 -22.45 4.16
C ASP C 770 -9.39 -21.96 4.89
N ALA C 771 -10.05 -22.88 5.57
CA ALA C 771 -11.26 -22.55 6.30
C ALA C 771 -11.12 -21.40 7.30
N HIS C 772 -10.07 -21.44 8.10
CA HIS C 772 -9.89 -20.38 9.08
C HIS C 772 -9.69 -19.03 8.41
N LYS C 773 -8.68 -18.91 7.54
CA LYS C 773 -8.40 -17.65 6.86
C LYS C 773 -9.65 -17.14 6.17
N GLN C 774 -10.43 -18.07 5.63
CA GLN C 774 -11.64 -17.69 4.95
C GLN C 774 -12.54 -16.85 5.86
N GLU C 775 -13.06 -17.43 6.95
CA GLU C 775 -13.97 -16.68 7.82
C GLU C 775 -13.38 -15.55 8.64
N SER C 776 -12.06 -15.44 8.68
CA SER C 776 -11.44 -14.37 9.43
C SER C 776 -11.31 -13.12 8.56
N GLY C 777 -11.35 -13.30 7.25
CA GLY C 777 -11.21 -12.15 6.38
C GLY C 777 -12.46 -11.63 5.69
N ILE C 778 -13.55 -12.41 5.71
CA ILE C 778 -14.78 -12.01 5.04
C ILE C 778 -15.28 -10.59 5.37
N ALA C 779 -15.32 -10.23 6.64
CA ALA C 779 -15.82 -8.92 7.05
C ALA C 779 -14.95 -7.77 6.50
N PRO C 780 -13.66 -7.75 6.85
CA PRO C 780 -12.88 -6.63 6.30
C PRO C 780 -12.79 -6.59 4.75
N ASN C 781 -12.77 -7.75 4.10
CA ASN C 781 -12.68 -7.80 2.64
C ASN C 781 -13.97 -7.35 1.99
N PHE C 782 -15.09 -7.53 2.71
CA PHE C 782 -16.39 -7.12 2.23
C PHE C 782 -16.55 -5.60 2.33
N VAL C 783 -16.17 -5.03 3.47
CA VAL C 783 -16.28 -3.58 3.60
C VAL C 783 -15.30 -2.86 2.67
N HIS C 784 -14.14 -3.45 2.43
CA HIS C 784 -13.18 -2.80 1.55
C HIS C 784 -13.66 -2.79 0.11
N SER C 785 -14.28 -3.89 -0.31
CA SER C 785 -14.79 -3.98 -1.67
C SER C 785 -15.94 -2.99 -1.76
N GLN C 786 -16.56 -2.77 -0.61
CA GLN C 786 -17.69 -1.89 -0.51
C GLN C 786 -17.24 -0.41 -0.63
N ASP C 787 -16.16 -0.03 0.06
CA ASP C 787 -15.71 1.35 -0.05
C ASP C 787 -15.05 1.51 -1.43
N GLY C 788 -14.53 0.40 -1.95
CA GLY C 788 -13.90 0.42 -3.24
C GLY C 788 -14.88 0.81 -4.32
N SER C 789 -16.11 0.31 -4.28
CA SER C 789 -17.05 0.70 -5.30
C SER C 789 -17.66 2.08 -4.98
N HIS C 790 -17.61 2.49 -3.72
CA HIS C 790 -18.14 3.80 -3.38
C HIS C 790 -17.21 4.81 -4.03
N LEU C 791 -15.91 4.56 -3.95
CA LEU C 791 -14.95 5.46 -4.55
C LEU C 791 -15.10 5.50 -6.07
N ARG C 792 -15.31 4.34 -6.69
CA ARG C 792 -15.46 4.29 -8.15
C ARG C 792 -16.69 5.05 -8.60
N LYS C 793 -17.80 4.88 -7.87
CA LYS C 793 -19.03 5.57 -8.23
C LYS C 793 -18.88 7.06 -8.03
N THR C 794 -18.14 7.43 -6.98
CA THR C 794 -17.93 8.84 -6.72
C THR C 794 -17.13 9.45 -7.86
N VAL C 795 -16.14 8.72 -8.37
CA VAL C 795 -15.34 9.24 -9.46
C VAL C 795 -16.21 9.51 -10.69
N VAL C 796 -17.01 8.50 -11.07
CA VAL C 796 -17.88 8.60 -12.20
C VAL C 796 -18.85 9.77 -12.08
N TRP C 797 -19.52 9.87 -10.93
CA TRP C 797 -20.50 10.91 -10.64
C TRP C 797 -19.93 12.32 -10.53
N ALA C 798 -18.72 12.45 -10.00
CA ALA C 798 -18.13 13.77 -9.85
C ALA C 798 -17.68 14.27 -11.21
N HIS C 799 -17.39 13.31 -12.09
CA HIS C 799 -16.93 13.58 -13.44
C HIS C 799 -18.08 13.98 -14.34
N GLU C 800 -19.06 13.09 -14.46
CA GLU C 800 -20.20 13.36 -15.34
C GLU C 800 -21.16 14.43 -14.81
N LYS C 801 -21.48 14.39 -13.53
CA LYS C 801 -22.41 15.36 -12.96
C LYS C 801 -21.78 16.74 -12.83
N TYR C 802 -20.72 16.87 -12.06
CA TYR C 802 -20.07 18.17 -11.95
C TYR C 802 -18.95 18.05 -12.99
N GLY C 803 -18.13 19.07 -13.16
CA GLY C 803 -17.12 18.88 -14.21
C GLY C 803 -15.73 18.48 -13.73
N ILE C 804 -15.64 17.64 -12.70
CA ILE C 804 -14.35 17.26 -12.14
C ILE C 804 -13.52 16.35 -13.05
N GLU C 805 -12.35 16.86 -13.43
CA GLU C 805 -11.45 16.12 -14.32
C GLU C 805 -10.26 15.50 -13.59
N SER C 806 -9.80 16.19 -12.54
CA SER C 806 -8.66 15.74 -11.77
C SER C 806 -9.06 15.11 -10.45
N PHE C 807 -8.49 13.95 -10.16
CA PHE C 807 -8.78 13.25 -8.90
C PHE C 807 -7.56 12.78 -8.10
N ALA C 808 -7.67 12.93 -6.79
CA ALA C 808 -6.64 12.45 -5.87
C ALA C 808 -7.38 11.37 -5.04
N LEU C 809 -7.10 10.10 -5.35
CA LEU C 809 -7.76 8.97 -4.70
C LEU C 809 -6.84 8.11 -3.83
N ILE C 810 -7.25 7.93 -2.57
CA ILE C 810 -6.49 7.13 -1.64
C ILE C 810 -7.42 6.34 -0.74
N HIS C 811 -8.12 5.36 -1.31
CA HIS C 811 -9.00 4.47 -0.56
C HIS C 811 -10.10 5.04 0.35
N ASP C 812 -10.00 6.26 0.84
CA ASP C 812 -11.09 6.81 1.65
C ASP C 812 -10.79 8.26 1.93
N SER C 813 -10.02 8.81 0.99
CA SER C 813 -9.59 10.18 0.98
C SER C 813 -9.87 10.58 -0.48
N PHE C 814 -10.66 11.62 -0.68
CA PHE C 814 -11.01 12.09 -2.03
C PHE C 814 -10.48 13.51 -2.18
N GLY C 815 -9.73 13.76 -3.25
CA GLY C 815 -9.18 15.09 -3.44
C GLY C 815 -9.27 15.60 -4.87
N THR C 816 -9.12 16.91 -5.02
CA THR C 816 -9.14 17.62 -6.29
C THR C 816 -8.71 19.06 -6.07
N ILE C 817 -8.69 19.83 -7.15
CA ILE C 817 -8.29 21.25 -7.07
C ILE C 817 -9.35 22.05 -6.33
N PRO C 818 -8.94 23.15 -5.69
CA PRO C 818 -9.81 24.05 -4.92
C PRO C 818 -11.16 24.43 -5.52
N ALA C 819 -11.17 24.93 -6.75
CA ALA C 819 -12.45 25.33 -7.35
C ALA C 819 -13.49 24.21 -7.53
N ASP C 820 -13.07 22.94 -7.45
CA ASP C 820 -13.99 21.81 -7.62
C ASP C 820 -14.24 21.10 -6.30
N ALA C 821 -13.56 21.55 -5.26
CA ALA C 821 -13.71 20.95 -3.94
C ALA C 821 -15.17 20.96 -3.48
N ALA C 822 -15.79 22.13 -3.52
CA ALA C 822 -17.18 22.25 -3.08
C ALA C 822 -18.10 21.18 -3.67
N ASN C 823 -17.90 20.83 -4.92
CA ASN C 823 -18.76 19.83 -5.54
C ASN C 823 -18.27 18.43 -5.20
N LEU C 824 -16.95 18.27 -4.99
CA LEU C 824 -16.45 16.93 -4.68
C LEU C 824 -17.04 16.54 -3.32
N PHE C 825 -17.04 17.52 -2.43
CA PHE C 825 -17.54 17.40 -1.07
C PHE C 825 -18.99 16.98 -1.10
N LYS C 826 -19.70 17.48 -2.10
CA LYS C 826 -21.10 17.15 -2.25
C LYS C 826 -21.29 15.75 -2.89
N ALA C 827 -20.45 15.44 -3.87
CA ALA C 827 -20.54 14.18 -4.58
C ALA C 827 -20.28 12.90 -3.76
N VAL C 828 -19.35 12.95 -2.80
CA VAL C 828 -19.10 11.74 -1.99
C VAL C 828 -20.30 11.37 -1.17
N ARG C 829 -20.98 12.39 -0.64
CA ARG C 829 -22.19 12.18 0.14
C ARG C 829 -23.27 11.65 -0.76
N GLU C 830 -23.51 12.33 -1.88
CA GLU C 830 -24.57 11.92 -2.80
C GLU C 830 -24.41 10.47 -3.27
N THR C 831 -23.18 10.12 -3.65
CA THR C 831 -22.91 8.78 -4.12
C THR C 831 -23.10 7.77 -2.98
N MET C 832 -22.74 8.18 -1.77
CA MET C 832 -22.89 7.33 -0.58
C MET C 832 -24.40 7.09 -0.32
N VAL C 833 -25.16 8.16 -0.26
CA VAL C 833 -26.59 8.07 -0.04
C VAL C 833 -27.28 7.20 -1.07
N ASP C 834 -27.03 7.46 -2.35
CA ASP C 834 -27.64 6.71 -3.43
C ASP C 834 -27.39 5.20 -3.42
N THR C 835 -26.16 4.77 -3.18
CA THR C 835 -25.89 3.34 -3.19
C THR C 835 -26.64 2.55 -2.14
N TYR C 836 -26.69 3.06 -0.92
CA TYR C 836 -27.35 2.32 0.12
C TYR C 836 -28.87 2.46 0.10
N GLU C 837 -29.39 3.47 -0.60
CA GLU C 837 -30.84 3.62 -0.70
C GLU C 837 -31.36 2.62 -1.74
N SER C 838 -30.61 2.47 -2.82
CA SER C 838 -30.98 1.58 -3.92
C SER C 838 -30.42 0.16 -3.79
N CYS C 839 -29.62 -0.11 -2.78
CA CYS C 839 -29.04 -1.43 -2.63
C CYS C 839 -28.98 -1.95 -1.21
N ASP C 840 -29.38 -3.20 -1.05
CA ASP C 840 -29.33 -3.87 0.24
C ASP C 840 -28.25 -4.94 0.03
N VAL C 841 -26.99 -4.51 0.12
CA VAL C 841 -25.83 -5.36 -0.10
C VAL C 841 -25.81 -6.68 0.67
N LEU C 842 -26.30 -6.66 1.91
CA LEU C 842 -26.34 -7.86 2.72
C LEU C 842 -27.34 -8.84 2.12
N ALA C 843 -28.53 -8.35 1.81
CA ALA C 843 -29.56 -9.20 1.22
C ALA C 843 -29.06 -9.65 -0.15
N ASP C 844 -28.38 -8.76 -0.87
CA ASP C 844 -27.85 -9.10 -2.19
C ASP C 844 -26.79 -10.17 -2.02
N PHE C 845 -26.07 -10.11 -0.92
CA PHE C 845 -25.03 -11.07 -0.63
C PHE C 845 -25.72 -12.42 -0.35
N TYR C 846 -26.78 -12.37 0.45
CA TYR C 846 -27.54 -13.56 0.79
C TYR C 846 -27.99 -14.27 -0.46
N ASP C 847 -28.54 -13.51 -1.42
CA ASP C 847 -29.02 -14.10 -2.66
C ASP C 847 -27.88 -14.59 -3.56
N GLN C 848 -26.68 -14.72 -2.97
CA GLN C 848 -25.52 -15.17 -3.73
C GLN C 848 -24.97 -16.48 -3.18
N PHE C 849 -25.09 -16.67 -1.87
CA PHE C 849 -24.62 -17.89 -1.25
C PHE C 849 -25.81 -18.68 -0.71
N ALA C 850 -26.92 -18.62 -1.44
CA ALA C 850 -28.12 -19.34 -1.04
C ALA C 850 -28.20 -20.59 -1.90
N ASP C 851 -28.26 -20.37 -3.21
CA ASP C 851 -28.34 -21.45 -4.20
C ASP C 851 -27.05 -22.24 -4.25
N GLN C 852 -25.97 -21.58 -4.69
CA GLN C 852 -24.67 -22.23 -4.81
C GLN C 852 -24.21 -22.85 -3.50
N LEU C 853 -24.37 -22.10 -2.41
CA LEU C 853 -23.94 -22.53 -1.09
C LEU C 853 -24.68 -23.70 -0.48
N HIS C 854 -24.66 -23.72 0.86
CA HIS C 854 -25.29 -24.72 1.70
C HIS C 854 -26.11 -25.79 0.97
N GLU C 855 -25.79 -27.05 1.26
CA GLU C 855 -26.48 -28.18 0.65
C GLU C 855 -27.87 -28.35 1.26
N SER C 856 -27.98 -29.25 2.25
CA SER C 856 -29.27 -29.50 2.89
C SER C 856 -29.46 -28.60 4.10
N GLN C 857 -28.77 -28.93 5.19
CA GLN C 857 -28.87 -28.18 6.44
C GLN C 857 -29.43 -26.75 6.27
N LEU C 858 -28.54 -25.77 6.09
CA LEU C 858 -28.97 -24.38 5.89
C LEU C 858 -29.68 -23.76 7.10
N ASP C 859 -29.16 -24.01 8.30
CA ASP C 859 -29.78 -23.44 9.50
C ASP C 859 -28.69 -22.94 10.45
N LYS C 860 -29.13 -22.34 11.55
CA LYS C 860 -28.22 -21.80 12.57
C LYS C 860 -27.44 -20.54 12.15
N MET C 861 -27.18 -20.39 10.86
CA MET C 861 -26.44 -19.24 10.34
C MET C 861 -27.29 -17.98 10.11
N PRO C 862 -28.35 -18.10 9.29
CA PRO C 862 -29.28 -17.04 8.90
C PRO C 862 -29.62 -15.94 9.90
N ALA C 863 -30.69 -15.21 9.56
CA ALA C 863 -31.22 -14.11 10.35
C ALA C 863 -30.49 -12.82 9.99
N LEU C 864 -30.84 -12.24 8.86
CA LEU C 864 -30.24 -10.98 8.42
C LEU C 864 -30.41 -9.96 9.52
N PRO C 865 -29.35 -9.22 9.84
CA PRO C 865 -29.48 -8.21 10.90
C PRO C 865 -30.54 -7.16 10.54
N ALA C 866 -31.24 -6.69 11.55
CA ALA C 866 -32.30 -5.72 11.35
C ALA C 866 -31.80 -4.37 10.83
N LYS C 867 -32.64 -3.71 10.05
CA LYS C 867 -32.36 -2.39 9.50
C LYS C 867 -32.71 -1.37 10.60
N GLY C 868 -31.83 -0.40 10.84
CA GLY C 868 -32.07 0.60 11.87
C GLY C 868 -32.90 1.79 11.45
N ASN C 869 -32.90 2.84 12.27
CA ASN C 869 -33.69 4.03 12.02
C ASN C 869 -32.92 5.19 11.42
N LEU C 870 -31.71 4.92 10.95
CA LEU C 870 -30.88 5.96 10.35
C LEU C 870 -31.50 6.45 9.04
N ASN C 871 -31.48 7.77 8.88
CA ASN C 871 -31.99 8.38 7.67
C ASN C 871 -30.80 8.70 6.79
N LEU C 872 -30.59 7.90 5.75
CA LEU C 872 -29.46 8.11 4.85
C LEU C 872 -29.36 9.50 4.24
N ARG C 873 -30.48 10.20 4.15
CA ARG C 873 -30.50 11.54 3.58
C ARG C 873 -29.80 12.55 4.46
N ASP C 874 -29.65 12.20 5.73
CA ASP C 874 -28.98 13.10 6.67
C ASP C 874 -27.48 13.14 6.47
N ILE C 875 -26.97 12.28 5.59
CA ILE C 875 -25.54 12.23 5.30
C ILE C 875 -25.22 13.39 4.36
N LEU C 876 -26.25 13.85 3.67
CA LEU C 876 -26.09 14.94 2.73
C LEU C 876 -25.84 16.24 3.46
N GLU C 877 -26.25 16.29 4.73
CA GLU C 877 -26.07 17.50 5.55
C GLU C 877 -24.99 17.37 6.63
N SER C 878 -24.26 16.25 6.62
CA SER C 878 -23.20 16.00 7.60
C SER C 878 -21.85 16.60 7.20
N ASP C 879 -21.37 17.57 8.00
CA ASP C 879 -20.10 18.23 7.72
C ASP C 879 -18.86 17.35 7.80
N PHE C 880 -18.85 16.49 8.79
CA PHE C 880 -17.68 15.68 9.05
C PHE C 880 -17.70 14.26 8.53
N ALA C 881 -18.77 13.94 7.84
CA ALA C 881 -18.90 12.62 7.27
C ALA C 881 -18.26 12.66 5.93
N PHE C 882 -17.01 13.06 5.78
CA PHE C 882 -16.53 13.06 4.41
C PHE C 882 -16.69 11.59 4.10
N ALA C 883 -16.73 11.25 2.82
CA ALA C 883 -16.85 9.86 2.38
C ALA C 883 -18.16 9.23 2.78
#